data_3DDN
#
_entry.id   3DDN
#
_cell.length_a   165.601
_cell.length_b   165.601
_cell.length_c   218.299
_cell.angle_alpha   90.00
_cell.angle_beta   90.00
_cell.angle_gamma   120.00
#
_symmetry.space_group_name_H-M   'P 65 2 2'
#
loop_
_entity.id
_entity.type
_entity.pdbx_description
1 polymer 'D-3-phosphoglycerate dehydrogenase'
2 non-polymer 'L(+)-TARTARIC ACID'
3 non-polymer '2-oxo-3-(phosphonooxy)propanoic acid'
4 water water
#
_entity_poly.entity_id   1
_entity_poly.type   'polypeptide(L)'
_entity_poly.pdbx_seq_one_letter_code
;VSLPVVLIADKLAPSTVAALGDQVEVRWVDGPDRDKLLAAVPEADALLVRSATTVDAEVLAAAPKLKIVARAGVGLDNVD
VDAATARGVLVVNAPTSNIHSAAEHALALLLAASRQIPAADASLREHTWKRSSFSGTEIFGKTVGVVGLGRIGQLVAQRI
AAFGAYVVAYDPYVSPARAAQLGIELLSLDDLLARADFISVHLPKTPETAGLIDKEALAKTKPGVIIVNAARGGLVDEAA
LADAITGGHVRAAGLDVFATEPCTDSPLFELAQVVVTPHLGASTAEAQDRAGTDVAESVRLALAGEFVPDAVNVGGGVVN
EEVAPWLDLVRKLGVLAGVLSDELPVSLSVQVRGELAAEEVEVLRLSALRGLFSAVIEDAVTFVNAPALAAERGVTAEIC
KASESPNHRSVVDVRAVGADGSVVTVSGTLYGPQLSQKIVQINGRHFDLRAQGINLIIHYVDRPGALGKIGTLLGTAGVN
IQAAQLSEDAEGPGATILLRLDQDVPDDVRTAIAAAVDAYKLEVVDLS
;
_entity_poly.pdbx_strand_id   A,B
#
loop_
_chem_comp.id
_chem_comp.type
_chem_comp.name
_chem_comp.formula
HPV non-polymer '2-oxo-3-(phosphonooxy)propanoic acid' 'C3 H5 O7 P'
TLA non-polymer 'L(+)-TARTARIC ACID' 'C4 H6 O6'
#
# COMPACT_ATOMS: atom_id res chain seq x y z
N SER A 2 29.22 19.05 -40.37
CA SER A 2 28.87 20.18 -39.46
C SER A 2 27.97 19.68 -38.33
N LEU A 3 28.59 19.36 -37.19
CA LEU A 3 27.89 18.84 -36.01
C LEU A 3 26.73 19.72 -35.50
N PRO A 4 25.59 19.09 -35.20
CA PRO A 4 24.41 19.78 -34.65
C PRO A 4 24.67 20.34 -33.25
N VAL A 5 24.14 21.53 -32.97
CA VAL A 5 24.33 22.20 -31.68
C VAL A 5 23.20 21.96 -30.66
N VAL A 6 23.56 21.37 -29.53
CA VAL A 6 22.62 21.21 -28.42
C VAL A 6 22.96 22.24 -27.35
N LEU A 7 22.10 23.23 -27.18
CA LEU A 7 22.24 24.29 -26.15
C LEU A 7 21.53 23.95 -24.82
N ILE A 8 22.29 23.82 -23.75
CA ILE A 8 21.73 23.63 -22.42
C ILE A 8 21.63 24.94 -21.66
N ALA A 9 20.43 25.39 -21.37
CA ALA A 9 20.23 26.72 -20.79
C ALA A 9 19.97 26.74 -19.29
N ASP A 10 19.77 25.57 -18.70
CA ASP A 10 19.66 25.46 -17.24
C ASP A 10 20.69 24.46 -16.70
N LYS A 11 20.71 24.24 -15.39
CA LYS A 11 21.73 23.44 -14.70
C LYS A 11 21.65 21.94 -14.94
N LEU A 12 21.95 21.48 -16.16
CA LEU A 12 22.09 20.04 -16.41
C LEU A 12 23.56 19.67 -16.66
N ALA A 13 24.09 18.73 -15.87
CA ALA A 13 25.51 18.33 -15.98
C ALA A 13 25.80 17.60 -17.29
N PRO A 14 27.03 17.74 -17.83
CA PRO A 14 27.40 16.97 -19.01
C PRO A 14 27.14 15.46 -18.86
N SER A 15 27.37 14.93 -17.66
CA SER A 15 27.21 13.52 -17.40
C SER A 15 25.74 13.17 -17.47
N THR A 16 24.91 14.04 -16.92
CA THR A 16 23.46 13.84 -16.97
C THR A 16 22.97 13.72 -18.40
N VAL A 17 23.74 14.24 -19.34
CA VAL A 17 23.23 14.37 -20.68
C VAL A 17 24.11 13.59 -21.68
N ALA A 18 24.85 12.62 -21.15
CA ALA A 18 25.77 11.80 -21.92
C ALA A 18 25.10 10.92 -22.99
N ALA A 19 23.80 10.65 -22.82
CA ALA A 19 23.02 9.91 -23.81
C ALA A 19 23.04 10.58 -25.19
N LEU A 20 23.27 11.87 -25.22
CA LEU A 20 23.53 12.53 -26.49
C LEU A 20 24.82 11.87 -26.99
N GLY A 21 24.97 11.73 -28.29
CA GLY A 21 26.14 11.01 -28.79
C GLY A 21 27.45 11.76 -28.65
N ASP A 22 28.44 11.35 -29.45
CA ASP A 22 29.62 12.17 -29.71
C ASP A 22 29.41 12.88 -31.04
N GLN A 23 28.18 12.82 -31.53
CA GLN A 23 27.82 13.38 -32.83
C GLN A 23 27.17 14.76 -32.70
N VAL A 24 27.29 15.37 -31.52
CA VAL A 24 26.72 16.70 -31.29
C VAL A 24 27.70 17.61 -30.57
N GLU A 25 27.59 18.91 -30.82
CA GLU A 25 28.31 19.91 -30.04
C GLU A 25 27.39 20.41 -28.94
N VAL A 26 27.74 20.13 -27.68
CA VAL A 26 26.94 20.56 -26.56
C VAL A 26 27.50 21.87 -25.96
N ARG A 27 26.68 22.92 -25.91
CA ARG A 27 27.09 24.15 -25.23
C ARG A 27 26.15 24.48 -24.08
N TRP A 28 26.62 25.30 -23.15
CA TRP A 28 25.83 25.78 -22.02
C TRP A 28 25.61 27.28 -22.09
N VAL A 29 24.50 27.76 -21.53
CA VAL A 29 24.28 29.19 -21.43
C VAL A 29 23.54 29.47 -20.12
N ASP A 30 23.67 30.68 -19.58
CA ASP A 30 22.85 31.05 -18.43
C ASP A 30 21.45 31.44 -18.91
N GLY A 31 20.56 30.46 -18.99
CA GLY A 31 19.22 30.66 -19.54
C GLY A 31 18.39 31.80 -18.96
N PRO A 32 18.27 31.86 -17.62
CA PRO A 32 17.63 32.97 -16.91
C PRO A 32 18.14 34.36 -17.31
N ASP A 33 19.37 34.47 -17.81
CA ASP A 33 19.91 35.73 -18.31
C ASP A 33 19.50 35.90 -19.77
N ARG A 34 18.56 36.81 -20.02
CA ARG A 34 17.88 36.92 -21.33
C ARG A 34 18.80 37.30 -22.48
N ASP A 35 19.68 38.25 -22.21
CA ASP A 35 20.63 38.70 -23.19
C ASP A 35 21.53 37.55 -23.67
N LYS A 36 22.00 36.76 -22.71
CA LYS A 36 22.90 35.63 -22.99
C LYS A 36 22.19 34.62 -23.85
N LEU A 37 21.00 34.23 -23.39
CA LEU A 37 20.17 33.24 -24.04
C LEU A 37 19.90 33.59 -25.49
N LEU A 38 19.39 34.80 -25.69
CA LEU A 38 19.04 35.29 -27.01
C LEU A 38 20.26 35.37 -27.94
N ALA A 39 21.43 35.61 -27.35
CA ALA A 39 22.67 35.65 -28.14
C ALA A 39 23.16 34.24 -28.51
N ALA A 40 22.84 33.26 -27.68
CA ALA A 40 23.36 31.90 -27.86
C ALA A 40 22.45 31.03 -28.72
N VAL A 41 21.18 31.36 -28.78
CA VAL A 41 20.21 30.44 -29.36
C VAL A 41 20.15 30.39 -30.91
N PRO A 42 20.57 31.47 -31.60
CA PRO A 42 20.51 31.41 -33.07
C PRO A 42 21.15 30.16 -33.69
N GLU A 43 22.21 29.66 -33.09
CA GLU A 43 22.94 28.51 -33.65
C GLU A 43 22.38 27.14 -33.24
N ALA A 44 21.38 27.13 -32.33
CA ALA A 44 20.93 25.88 -31.69
C ALA A 44 20.02 25.04 -32.55
N ASP A 45 20.35 23.76 -32.63
CA ASP A 45 19.47 22.75 -33.22
C ASP A 45 18.53 22.14 -32.18
N ALA A 46 19.03 22.08 -30.94
CA ALA A 46 18.21 21.65 -29.81
C ALA A 46 18.45 22.55 -28.62
N LEU A 47 17.44 22.67 -27.77
CA LEU A 47 17.54 23.48 -26.57
C LEU A 47 17.01 22.66 -25.37
N LEU A 48 17.84 22.44 -24.35
CA LEU A 48 17.36 21.77 -23.14
C LEU A 48 17.30 22.78 -22.03
N VAL A 49 16.31 22.61 -21.17
CA VAL A 49 15.93 23.65 -20.27
C VAL A 49 15.37 22.89 -19.07
N ARG A 50 15.35 23.56 -17.92
CA ARG A 50 14.79 22.90 -16.75
C ARG A 50 13.47 23.56 -16.38
N SER A 51 13.53 24.47 -15.42
CA SER A 51 12.34 25.22 -15.07
C SER A 51 12.66 26.69 -15.03
N ALA A 52 13.94 27.03 -14.99
CA ALA A 52 14.36 28.42 -14.77
C ALA A 52 14.36 29.26 -16.04
N THR A 53 14.56 28.61 -17.18
CA THR A 53 14.55 29.32 -18.44
C THR A 53 13.13 29.32 -19.03
N THR A 54 12.68 30.49 -19.49
CA THR A 54 11.40 30.56 -20.16
C THR A 54 11.57 30.57 -21.69
N VAL A 55 10.96 29.58 -22.32
CA VAL A 55 11.10 29.40 -23.75
C VAL A 55 9.83 29.95 -24.38
N ASP A 56 9.77 31.28 -24.50
CA ASP A 56 8.65 31.96 -25.11
C ASP A 56 8.84 32.18 -26.61
N ALA A 57 7.92 32.94 -27.20
CA ALA A 57 7.97 33.24 -28.63
C ALA A 57 9.23 34.02 -28.99
N GLU A 58 9.64 34.94 -28.11
CA GLU A 58 10.86 35.70 -28.36
C GLU A 58 12.04 34.77 -28.58
N VAL A 59 12.23 33.82 -27.67
CA VAL A 59 13.29 32.84 -27.80
C VAL A 59 13.17 32.10 -29.14
N LEU A 60 11.95 31.63 -29.45
CA LEU A 60 11.73 30.84 -30.65
C LEU A 60 11.98 31.60 -31.93
N ALA A 61 11.48 32.83 -31.99
CA ALA A 61 11.71 33.69 -33.14
C ALA A 61 13.21 33.85 -33.37
N ALA A 62 13.96 33.86 -32.28
CA ALA A 62 15.39 34.11 -32.35
C ALA A 62 16.22 32.87 -32.70
N ALA A 63 15.58 31.70 -32.70
CA ALA A 63 16.26 30.44 -32.98
C ALA A 63 15.75 29.79 -34.28
N PRO A 64 16.30 30.24 -35.42
CA PRO A 64 15.85 29.86 -36.77
C PRO A 64 16.05 28.39 -37.14
N LYS A 65 16.98 27.68 -36.53
CA LYS A 65 17.12 26.27 -36.88
C LYS A 65 16.76 25.30 -35.74
N LEU A 66 16.02 25.81 -34.76
CA LEU A 66 15.63 25.02 -33.60
C LEU A 66 14.76 23.86 -34.07
N LYS A 67 15.10 22.65 -33.66
CA LYS A 67 14.26 21.50 -34.01
C LYS A 67 13.49 20.89 -32.82
N ILE A 68 14.02 21.09 -31.61
CA ILE A 68 13.54 20.49 -30.36
C ILE A 68 13.75 21.45 -29.21
N VAL A 69 12.70 21.60 -28.41
CA VAL A 69 12.83 22.14 -27.09
C VAL A 69 12.54 21.01 -26.10
N ALA A 70 13.52 20.72 -25.24
CA ALA A 70 13.38 19.65 -24.28
C ALA A 70 13.38 20.20 -22.88
N ARG A 71 12.32 19.89 -22.16
CA ARG A 71 12.17 20.28 -20.77
C ARG A 71 12.51 19.09 -19.88
N ALA A 72 13.58 19.22 -19.09
CA ALA A 72 13.99 18.15 -18.17
C ALA A 72 13.11 18.22 -16.93
N GLY A 73 11.90 17.66 -17.06
CA GLY A 73 10.92 17.67 -15.99
C GLY A 73 9.57 17.26 -16.55
N VAL A 74 8.53 17.46 -15.73
CA VAL A 74 7.19 17.03 -16.08
C VAL A 74 6.33 18.23 -16.53
N GLY A 75 6.46 19.34 -15.81
CA GLY A 75 5.71 20.54 -16.16
C GLY A 75 6.16 21.16 -17.47
N LEU A 76 5.28 21.98 -18.06
CA LEU A 76 5.60 22.70 -19.29
C LEU A 76 5.23 24.16 -19.16
N ASP A 77 5.11 24.63 -17.92
CA ASP A 77 4.75 26.01 -17.69
C ASP A 77 5.68 27.03 -18.31
N ASN A 78 6.98 26.70 -18.41
CA ASN A 78 7.98 27.66 -18.88
C ASN A 78 8.23 27.62 -20.37
N VAL A 79 7.45 26.79 -21.07
CA VAL A 79 7.55 26.67 -22.52
C VAL A 79 6.18 26.98 -23.15
N ASP A 80 6.18 27.87 -24.14
CA ASP A 80 5.01 28.16 -24.97
C ASP A 80 4.91 27.10 -26.05
N VAL A 81 4.20 26.00 -25.76
CA VAL A 81 4.12 24.88 -26.69
C VAL A 81 3.36 25.26 -27.95
N ASP A 82 2.47 26.23 -27.84
CA ASP A 82 1.68 26.62 -29.01
C ASP A 82 2.57 27.28 -30.01
N ALA A 83 3.38 28.23 -29.53
CA ALA A 83 4.33 28.91 -30.40
C ALA A 83 5.32 27.93 -31.03
N ALA A 84 5.77 26.94 -30.25
CA ALA A 84 6.72 25.97 -30.77
C ALA A 84 6.10 25.11 -31.89
N THR A 85 4.86 24.68 -31.69
CA THR A 85 4.12 23.93 -32.70
C THR A 85 3.91 24.84 -33.90
N ALA A 86 3.51 26.08 -33.61
CA ALA A 86 3.31 27.09 -34.65
C ALA A 86 4.51 27.21 -35.58
N ARG A 87 5.72 27.02 -35.04
CA ARG A 87 6.93 27.11 -35.85
C ARG A 87 7.56 25.76 -36.20
N GLY A 88 6.81 24.67 -36.01
CA GLY A 88 7.34 23.34 -36.36
C GLY A 88 8.43 22.78 -35.44
N VAL A 89 8.46 23.27 -34.21
CA VAL A 89 9.43 22.81 -33.21
C VAL A 89 8.84 21.73 -32.29
N LEU A 90 9.44 20.54 -32.35
CA LEU A 90 9.10 19.46 -31.45
C LEU A 90 9.40 19.86 -30.00
N VAL A 91 8.38 19.76 -29.16
CA VAL A 91 8.56 19.90 -27.72
C VAL A 91 8.46 18.55 -27.01
N VAL A 92 9.38 18.32 -26.08
CA VAL A 92 9.44 17.07 -25.36
C VAL A 92 9.59 17.35 -23.84
N ASN A 93 9.05 16.48 -22.99
CA ASN A 93 9.38 16.53 -21.56
C ASN A 93 9.94 15.20 -21.05
N ALA A 94 10.04 15.03 -19.72
CA ALA A 94 10.40 13.73 -19.18
C ALA A 94 9.26 13.25 -18.27
N PRO A 95 8.24 12.65 -18.89
CA PRO A 95 6.92 12.52 -18.27
C PRO A 95 6.86 11.54 -17.07
N THR A 96 7.82 10.61 -16.99
CA THR A 96 7.85 9.57 -15.96
C THR A 96 9.10 9.68 -15.04
N SER A 97 9.77 10.82 -15.10
CA SER A 97 11.06 10.95 -14.43
C SER A 97 10.89 11.14 -12.91
N ASN A 98 9.78 11.73 -12.48
CA ASN A 98 9.54 11.95 -11.07
C ASN A 98 8.66 10.91 -10.36
N ILE A 99 8.26 9.84 -11.04
CA ILE A 99 7.21 8.98 -10.48
C ILE A 99 7.59 8.29 -9.16
N HIS A 100 8.80 7.74 -9.09
CA HIS A 100 9.24 7.09 -7.85
C HIS A 100 9.44 8.10 -6.71
N SER A 101 10.00 9.26 -7.00
CA SER A 101 10.22 10.27 -5.95
C SER A 101 8.92 10.83 -5.44
N ALA A 102 7.95 10.97 -6.33
CA ALA A 102 6.63 11.48 -5.94
C ALA A 102 5.84 10.44 -5.13
N ALA A 103 5.82 9.19 -5.60
CA ALA A 103 5.20 8.10 -4.84
C ALA A 103 5.79 8.02 -3.43
N GLU A 104 7.12 8.05 -3.35
CA GLU A 104 7.83 7.93 -2.07
C GLU A 104 7.50 9.11 -1.18
N HIS A 105 7.33 10.27 -1.78
CA HIS A 105 6.96 11.44 -1.00
C HIS A 105 5.52 11.41 -0.51
N ALA A 106 4.63 10.79 -1.28
CA ALA A 106 3.27 10.64 -0.83
C ALA A 106 3.31 9.73 0.41
N LEU A 107 4.00 8.61 0.28
CA LEU A 107 4.14 7.72 1.42
C LEU A 107 4.82 8.45 2.59
N ALA A 108 5.88 9.20 2.30
CA ALA A 108 6.55 9.97 3.34
C ALA A 108 5.56 10.82 4.10
N LEU A 109 4.74 11.57 3.38
CA LEU A 109 3.71 12.43 3.97
C LEU A 109 2.61 11.66 4.72
N LEU A 110 2.28 10.48 4.26
CA LEU A 110 1.24 9.72 4.94
C LEU A 110 1.72 9.23 6.31
N LEU A 111 2.96 8.73 6.34
CA LEU A 111 3.57 8.27 7.57
C LEU A 111 3.88 9.45 8.50
N ALA A 112 4.36 10.54 7.92
CA ALA A 112 4.72 11.68 8.74
C ALA A 112 3.48 12.27 9.43
N ALA A 113 2.32 12.13 8.81
CA ALA A 113 1.09 12.62 9.37
C ALA A 113 0.48 11.66 10.36
N SER A 114 0.49 10.37 10.02
CA SER A 114 -0.04 9.33 10.92
C SER A 114 0.74 9.29 12.24
N ARG A 115 2.01 9.62 12.20
CA ARG A 115 2.88 9.55 13.41
C ARG A 115 3.43 10.91 13.85
N GLN A 116 2.92 11.98 13.29
CA GLN A 116 3.20 13.33 13.79
C GLN A 116 4.67 13.65 13.88
N ILE A 117 5.45 13.13 12.93
CA ILE A 117 6.90 13.29 12.94
C ILE A 117 7.36 14.76 13.15
N PRO A 118 6.88 15.72 12.33
CA PRO A 118 7.40 17.09 12.51
C PRO A 118 7.21 17.66 13.92
N ALA A 119 5.99 17.59 14.44
CA ALA A 119 5.69 18.06 15.79
C ALA A 119 6.58 17.38 16.84
N ALA A 120 6.70 16.06 16.73
CA ALA A 120 7.51 15.29 17.66
C ALA A 120 8.95 15.74 17.58
N ASP A 121 9.46 15.87 16.36
CA ASP A 121 10.83 16.32 16.15
C ASP A 121 11.02 17.71 16.75
N ALA A 122 9.99 18.56 16.63
CA ALA A 122 10.01 19.91 17.18
C ALA A 122 10.09 19.91 18.71
N SER A 123 9.33 19.04 19.35
CA SER A 123 9.33 18.98 20.81
C SER A 123 10.73 18.66 21.34
N LEU A 124 11.40 17.70 20.70
CA LEU A 124 12.75 17.31 21.11
C LEU A 124 13.76 18.39 20.77
N ARG A 125 13.39 19.22 19.80
CA ARG A 125 14.23 20.29 19.28
C ARG A 125 14.16 21.48 20.25
N GLU A 126 13.04 21.56 20.97
CA GLU A 126 12.82 22.50 22.07
C GLU A 126 13.25 21.89 23.40
N HIS A 127 14.05 20.83 23.33
CA HIS A 127 14.64 20.23 24.52
C HIS A 127 13.60 19.88 25.56
N THR A 128 12.51 19.25 25.12
CA THR A 128 11.60 18.64 26.07
C THR A 128 11.12 17.28 25.58
N TRP A 129 10.54 16.53 26.50
CA TRP A 129 10.19 15.15 26.25
C TRP A 129 8.68 15.01 26.44
N LYS A 130 7.93 15.13 25.34
CA LYS A 130 6.50 15.07 25.41
C LYS A 130 5.96 13.81 24.76
N ARG A 131 6.61 12.69 25.04
CA ARG A 131 6.22 11.40 24.49
C ARG A 131 4.74 11.09 24.76
N SER A 132 4.29 11.41 25.96
CA SER A 132 2.93 11.10 26.41
C SER A 132 1.87 11.85 25.60
N SER A 133 2.29 12.89 24.91
CA SER A 133 1.36 13.77 24.22
C SER A 133 0.88 13.19 22.87
N PHE A 134 1.74 12.40 22.22
CA PHE A 134 1.48 11.94 20.88
C PHE A 134 0.71 10.64 20.83
N SER A 135 -0.04 10.45 19.76
CA SER A 135 -0.70 9.18 19.51
C SER A 135 -0.88 8.98 18.01
N GLY A 136 -0.20 7.96 17.48
CA GLY A 136 -0.18 7.74 16.04
C GLY A 136 -1.24 6.78 15.59
N THR A 137 -1.26 6.53 14.29
CA THR A 137 -2.25 5.66 13.68
C THR A 137 -1.53 4.60 12.87
N GLU A 138 -1.96 3.37 13.05
CA GLU A 138 -1.32 2.23 12.46
C GLU A 138 -1.93 1.93 11.09
N ILE A 139 -1.11 1.64 10.11
CA ILE A 139 -1.59 1.37 8.75
C ILE A 139 -2.04 -0.08 8.56
N PHE A 140 -1.38 -1.02 9.25
CA PHE A 140 -1.70 -2.42 9.02
C PHE A 140 -3.19 -2.74 9.10
N GLY A 141 -3.73 -3.39 8.08
CA GLY A 141 -5.10 -3.89 8.15
C GLY A 141 -6.13 -2.86 7.73
N LYS A 142 -5.69 -1.62 7.56
CA LYS A 142 -6.59 -0.52 7.24
C LYS A 142 -6.93 -0.48 5.75
N THR A 143 -7.96 0.26 5.37
CA THR A 143 -8.28 0.42 3.95
C THR A 143 -7.71 1.74 3.45
N VAL A 144 -7.01 1.72 2.33
CA VAL A 144 -6.40 2.93 1.78
C VAL A 144 -7.04 3.23 0.45
N GLY A 145 -7.61 4.43 0.35
CA GLY A 145 -8.24 4.89 -0.89
C GLY A 145 -7.30 5.71 -1.73
N VAL A 146 -7.04 5.22 -2.94
CA VAL A 146 -6.21 5.93 -3.91
C VAL A 146 -7.13 6.63 -4.91
N VAL A 147 -7.12 7.96 -4.90
CA VAL A 147 -8.02 8.71 -5.78
C VAL A 147 -7.24 9.09 -7.02
N GLY A 148 -7.41 8.32 -8.09
CA GLY A 148 -6.58 8.46 -9.30
C GLY A 148 -5.51 7.39 -9.38
N LEU A 149 -5.60 6.52 -10.38
CA LEU A 149 -4.72 5.36 -10.55
C LEU A 149 -3.89 5.47 -11.80
N GLY A 150 -3.28 6.63 -11.99
CA GLY A 150 -2.26 6.72 -13.00
C GLY A 150 -1.03 6.04 -12.43
N ARG A 151 0.10 6.24 -13.11
CA ARG A 151 1.37 5.64 -12.77
C ARG A 151 1.71 5.84 -11.28
N ILE A 152 1.65 7.07 -10.80
CA ILE A 152 2.11 7.34 -9.43
C ILE A 152 1.15 6.71 -8.40
N GLY A 153 -0.16 6.86 -8.62
CA GLY A 153 -1.16 6.26 -7.74
C GLY A 153 -1.01 4.75 -7.70
N GLN A 154 -0.51 4.20 -8.79
CA GLN A 154 -0.28 2.78 -8.86
C GLN A 154 0.89 2.37 -8.00
N LEU A 155 1.94 3.19 -7.99
CA LEU A 155 3.13 2.89 -7.22
C LEU A 155 2.84 3.02 -5.72
N VAL A 156 2.03 4.02 -5.38
CA VAL A 156 1.64 4.25 -4.01
C VAL A 156 0.82 3.06 -3.49
N ALA A 157 -0.11 2.59 -4.31
CA ALA A 157 -0.89 1.42 -3.95
C ALA A 157 0.02 0.22 -3.71
N GLN A 158 1.02 0.02 -4.58
CA GLN A 158 1.96 -1.11 -4.42
C GLN A 158 2.76 -1.06 -3.15
N ARG A 159 3.26 0.12 -2.82
CA ARG A 159 4.02 0.32 -1.58
C ARG A 159 3.15 0.22 -0.33
N ILE A 160 1.97 0.82 -0.38
CA ILE A 160 1.09 0.81 0.77
C ILE A 160 0.56 -0.62 1.02
N ALA A 161 0.44 -1.43 -0.04
CA ALA A 161 -0.11 -2.78 0.11
C ALA A 161 0.84 -3.67 0.89
N ALA A 162 2.13 -3.38 0.80
CA ALA A 162 3.13 -4.15 1.55
C ALA A 162 3.09 -3.80 3.03
N PHE A 163 2.41 -2.73 3.40
CA PHE A 163 2.17 -2.44 4.81
C PHE A 163 0.97 -3.24 5.37
N GLY A 164 0.31 -4.04 4.55
CA GLY A 164 -0.79 -4.85 5.02
C GLY A 164 -2.10 -4.09 4.96
N ALA A 165 -2.11 -3.03 4.16
CA ALA A 165 -3.33 -2.28 3.96
C ALA A 165 -4.10 -2.84 2.78
N TYR A 166 -5.43 -2.72 2.85
CA TYR A 166 -6.29 -3.07 1.72
C TYR A 166 -6.39 -1.82 0.84
N VAL A 167 -6.24 -1.99 -0.46
CA VAL A 167 -6.27 -0.87 -1.37
C VAL A 167 -7.51 -0.83 -2.25
N VAL A 168 -8.18 0.31 -2.21
CA VAL A 168 -9.28 0.60 -3.11
C VAL A 168 -8.95 1.86 -3.93
N ALA A 169 -9.58 2.04 -5.08
CA ALA A 169 -9.26 3.18 -5.90
C ALA A 169 -10.51 3.67 -6.58
N TYR A 170 -10.46 4.95 -6.90
CA TYR A 170 -11.43 5.59 -7.74
C TYR A 170 -10.71 6.14 -8.97
N ASP A 171 -11.12 5.69 -10.14
CA ASP A 171 -10.60 6.23 -11.39
C ASP A 171 -11.47 5.71 -12.51
N PRO A 172 -12.39 6.55 -13.01
CA PRO A 172 -13.19 6.17 -14.18
C PRO A 172 -12.34 5.95 -15.45
N TYR A 173 -11.04 6.22 -15.37
CA TYR A 173 -10.15 6.15 -16.54
C TYR A 173 -9.12 5.02 -16.52
N VAL A 174 -9.42 3.98 -15.75
CA VAL A 174 -8.68 2.74 -15.76
C VAL A 174 -9.70 1.63 -16.01
N SER A 175 -9.39 0.68 -16.88
CA SER A 175 -10.34 -0.43 -17.06
C SER A 175 -10.44 -1.28 -15.78
N PRO A 176 -11.62 -1.87 -15.54
CA PRO A 176 -11.80 -2.85 -14.49
C PRO A 176 -10.82 -4.02 -14.56
N ALA A 177 -10.45 -4.46 -15.76
CA ALA A 177 -9.52 -5.56 -15.88
C ALA A 177 -8.09 -5.15 -15.48
N ARG A 178 -7.71 -3.93 -15.82
CA ARG A 178 -6.43 -3.41 -15.39
C ARG A 178 -6.37 -3.29 -13.85
N ALA A 179 -7.40 -2.74 -13.22
CA ALA A 179 -7.46 -2.65 -11.77
C ALA A 179 -7.39 -4.03 -11.10
N ALA A 180 -8.13 -4.97 -11.66
CA ALA A 180 -8.11 -6.35 -11.18
C ALA A 180 -6.70 -6.98 -11.35
N GLN A 181 -6.01 -6.72 -12.45
CA GLN A 181 -4.62 -7.17 -12.57
C GLN A 181 -3.75 -6.61 -11.48
N LEU A 182 -3.98 -5.36 -11.10
CA LEU A 182 -3.24 -4.79 -9.98
C LEU A 182 -3.69 -5.31 -8.62
N GLY A 183 -4.80 -6.06 -8.59
CA GLY A 183 -5.31 -6.52 -7.31
C GLY A 183 -5.93 -5.37 -6.55
N ILE A 184 -6.50 -4.41 -7.28
CA ILE A 184 -7.15 -3.24 -6.66
C ILE A 184 -8.65 -3.19 -6.95
N GLU A 185 -9.44 -2.90 -5.93
CA GLU A 185 -10.88 -2.82 -6.09
C GLU A 185 -11.29 -1.42 -6.57
N LEU A 186 -11.89 -1.31 -7.76
CA LEU A 186 -12.38 -0.02 -8.24
C LEU A 186 -13.71 0.39 -7.63
N LEU A 187 -13.78 1.61 -7.13
CA LEU A 187 -14.98 2.10 -6.45
C LEU A 187 -15.44 3.45 -6.99
N SER A 188 -16.73 3.72 -6.84
CA SER A 188 -17.25 5.07 -6.95
C SER A 188 -16.52 5.90 -5.92
N LEU A 189 -16.41 7.19 -6.17
CA LEU A 189 -15.80 8.08 -5.22
C LEU A 189 -16.55 8.02 -3.89
N ASP A 190 -17.88 7.99 -3.93
CA ASP A 190 -18.68 7.97 -2.70
C ASP A 190 -18.33 6.78 -1.80
N ASP A 191 -18.21 5.62 -2.44
CA ASP A 191 -17.84 4.39 -1.76
C ASP A 191 -16.38 4.42 -1.24
N LEU A 192 -15.48 5.00 -1.99
CA LEU A 192 -14.11 5.14 -1.49
C LEU A 192 -14.12 6.02 -0.24
N LEU A 193 -14.75 7.16 -0.32
CA LEU A 193 -14.93 8.07 0.83
C LEU A 193 -15.45 7.35 2.08
N ALA A 194 -16.50 6.56 1.89
CA ALA A 194 -17.11 5.87 3.02
C ALA A 194 -16.15 4.86 3.66
N ARG A 195 -15.28 4.24 2.86
CA ARG A 195 -14.53 3.05 3.29
C ARG A 195 -13.10 3.30 3.75
N ALA A 196 -12.51 4.39 3.29
CA ALA A 196 -11.07 4.60 3.42
C ALA A 196 -10.69 5.15 4.79
N ASP A 197 -9.72 4.49 5.43
CA ASP A 197 -9.06 5.04 6.59
C ASP A 197 -7.96 6.01 6.17
N PHE A 198 -7.34 5.77 5.01
CA PHE A 198 -6.39 6.73 4.46
C PHE A 198 -6.81 7.10 3.04
N ILE A 199 -6.59 8.35 2.67
CA ILE A 199 -6.84 8.80 1.29
C ILE A 199 -5.59 9.46 0.70
N SER A 200 -5.13 8.94 -0.44
CA SER A 200 -4.05 9.58 -1.16
C SER A 200 -4.57 10.04 -2.52
N VAL A 201 -4.47 11.34 -2.83
CA VAL A 201 -4.96 11.80 -4.14
C VAL A 201 -3.86 11.81 -5.21
N HIS A 202 -4.20 11.27 -6.38
CA HIS A 202 -3.25 11.19 -7.47
C HIS A 202 -3.85 11.55 -8.83
N LEU A 203 -4.70 12.57 -8.80
CA LEU A 203 -5.28 13.18 -10.00
C LEU A 203 -4.37 14.25 -10.65
N PRO A 204 -4.51 14.43 -11.97
CA PRO A 204 -3.95 15.61 -12.65
C PRO A 204 -4.85 16.82 -12.41
N LYS A 205 -4.34 18.03 -12.66
CA LYS A 205 -5.26 19.18 -12.56
C LYS A 205 -5.88 19.50 -13.92
N THR A 206 -7.21 19.37 -13.94
CA THR A 206 -8.04 19.62 -15.09
C THR A 206 -9.28 20.18 -14.43
N PRO A 207 -10.13 20.91 -15.18
CA PRO A 207 -11.30 21.43 -14.47
C PRO A 207 -12.26 20.32 -14.05
N GLU A 208 -12.06 19.12 -14.60
CA GLU A 208 -12.81 17.91 -14.20
C GLU A 208 -12.45 17.49 -12.77
N THR A 209 -11.30 18.00 -12.32
CA THR A 209 -10.57 17.52 -11.16
C THR A 209 -10.50 18.56 -10.03
N ALA A 210 -10.36 19.82 -10.40
CA ALA A 210 -10.14 20.90 -9.44
C ALA A 210 -11.13 20.87 -8.28
N GLY A 211 -10.60 20.96 -7.05
CA GLY A 211 -11.42 20.97 -5.84
C GLY A 211 -12.36 19.77 -5.73
N LEU A 212 -11.98 18.65 -6.35
CA LEU A 212 -12.76 17.40 -6.30
C LEU A 212 -13.25 17.06 -4.90
N ILE A 213 -12.32 17.12 -3.94
CA ILE A 213 -12.63 16.82 -2.56
C ILE A 213 -12.92 18.11 -1.85
N ASP A 214 -14.19 18.46 -1.82
CA ASP A 214 -14.66 19.69 -1.17
C ASP A 214 -15.27 19.31 0.15
N LYS A 215 -15.93 20.28 0.77
CA LYS A 215 -16.58 20.05 2.06
C LYS A 215 -17.60 18.91 1.99
N GLU A 216 -18.37 18.87 0.91
CA GLU A 216 -19.37 17.83 0.74
C GLU A 216 -18.68 16.45 0.83
N ALA A 217 -17.52 16.33 0.20
CA ALA A 217 -16.73 15.10 0.14
C ALA A 217 -16.10 14.75 1.48
N LEU A 218 -15.36 15.71 2.04
CA LEU A 218 -14.81 15.61 3.40
C LEU A 218 -15.84 15.12 4.41
N ALA A 219 -17.10 15.51 4.25
CA ALA A 219 -18.12 15.09 5.22
C ALA A 219 -18.55 13.63 5.01
N LYS A 220 -18.19 13.05 3.89
CA LYS A 220 -18.56 11.65 3.65
C LYS A 220 -17.48 10.68 4.15
N THR A 221 -16.31 11.20 4.46
CA THR A 221 -15.20 10.33 4.82
C THR A 221 -15.46 9.75 6.18
N LYS A 222 -14.70 8.70 6.51
CA LYS A 222 -14.66 8.09 7.82
C LYS A 222 -14.03 9.03 8.84
N PRO A 223 -14.68 9.18 10.01
CA PRO A 223 -14.09 9.88 11.15
C PRO A 223 -12.74 9.26 11.48
N GLY A 224 -11.72 10.10 11.62
CA GLY A 224 -10.37 9.61 11.83
C GLY A 224 -9.51 9.47 10.57
N VAL A 225 -10.08 9.75 9.38
CA VAL A 225 -9.28 9.69 8.14
C VAL A 225 -8.03 10.53 8.20
N ILE A 226 -6.96 10.02 7.59
CA ILE A 226 -5.78 10.78 7.30
C ILE A 226 -5.76 10.91 5.78
N ILE A 227 -5.57 12.12 5.28
CA ILE A 227 -5.67 12.43 3.86
C ILE A 227 -4.40 13.10 3.36
N VAL A 228 -3.86 12.59 2.27
CA VAL A 228 -2.64 13.11 1.68
C VAL A 228 -2.85 13.60 0.24
N ASN A 229 -2.31 14.78 -0.04
CA ASN A 229 -2.26 15.29 -1.39
C ASN A 229 -0.87 15.78 -1.77
N ALA A 230 -0.17 14.96 -2.53
CA ALA A 230 1.10 15.39 -3.08
C ALA A 230 0.96 15.42 -4.60
N ALA A 231 -0.28 15.64 -5.05
CA ALA A 231 -0.59 15.61 -6.49
C ALA A 231 -0.64 17.03 -7.11
N ARG A 232 -1.76 17.75 -6.95
CA ARG A 232 -1.93 19.09 -7.51
C ARG A 232 -2.60 19.99 -6.50
N GLY A 233 -2.19 21.26 -6.47
CA GLY A 233 -2.74 22.22 -5.54
C GLY A 233 -4.23 22.25 -5.69
N GLY A 234 -4.95 22.19 -4.59
CA GLY A 234 -6.37 22.45 -4.66
C GLY A 234 -7.26 21.26 -4.84
N LEU A 235 -6.72 20.09 -5.19
CA LEU A 235 -7.59 18.92 -5.33
C LEU A 235 -8.43 18.72 -4.07
N VAL A 236 -7.83 18.93 -2.91
CA VAL A 236 -8.58 18.95 -1.67
C VAL A 236 -8.75 20.39 -1.25
N ASP A 237 -10.00 20.81 -1.08
CA ASP A 237 -10.27 22.20 -0.71
C ASP A 237 -9.59 22.59 0.61
N GLU A 238 -8.62 23.49 0.50
CA GLU A 238 -7.80 23.85 1.63
C GLU A 238 -8.60 24.32 2.83
N ALA A 239 -9.57 25.21 2.62
CA ALA A 239 -10.33 25.72 3.77
C ALA A 239 -11.24 24.66 4.38
N ALA A 240 -11.82 23.82 3.53
CA ALA A 240 -12.67 22.73 4.00
C ALA A 240 -11.87 21.72 4.83
N LEU A 241 -10.63 21.50 4.42
CA LEU A 241 -9.72 20.61 5.14
C LEU A 241 -9.52 21.22 6.52
N ALA A 242 -9.05 22.47 6.57
CA ALA A 242 -8.82 23.13 7.84
C ALA A 242 -10.04 22.98 8.73
N ASP A 243 -11.21 23.18 8.16
CA ASP A 243 -12.43 23.06 8.95
C ASP A 243 -12.54 21.68 9.55
N ALA A 244 -12.32 20.66 8.71
CA ALA A 244 -12.49 19.26 9.08
C ALA A 244 -11.40 18.78 10.04
N ILE A 245 -10.21 19.32 9.86
CA ILE A 245 -9.10 19.09 10.76
C ILE A 245 -9.40 19.67 12.14
N THR A 246 -9.69 20.98 12.18
CA THR A 246 -10.05 21.66 13.42
C THR A 246 -11.22 21.00 14.13
N GLY A 247 -12.32 20.79 13.41
CA GLY A 247 -13.48 20.08 13.95
C GLY A 247 -13.16 18.69 14.47
N GLY A 248 -12.02 18.13 14.03
CA GLY A 248 -11.57 16.82 14.49
C GLY A 248 -11.88 15.62 13.59
N HIS A 249 -12.82 15.79 12.65
CA HIS A 249 -13.31 14.68 11.81
C HIS A 249 -12.22 13.99 10.97
N VAL A 250 -11.33 14.77 10.38
CA VAL A 250 -10.19 14.15 9.77
C VAL A 250 -8.99 14.38 10.71
N ARG A 251 -8.35 13.28 11.10
CA ARG A 251 -7.32 13.32 12.12
C ARG A 251 -6.08 14.06 11.70
N ALA A 252 -5.65 13.86 10.46
CA ALA A 252 -4.41 14.46 10.02
C ALA A 252 -4.40 14.57 8.51
N ALA A 253 -3.49 15.37 7.98
CA ALA A 253 -3.32 15.45 6.54
C ALA A 253 -1.86 15.75 6.22
N GLY A 254 -1.48 15.50 4.97
CA GLY A 254 -0.19 15.86 4.46
C GLY A 254 -0.38 16.49 3.10
N LEU A 255 0.28 17.62 2.88
CA LEU A 255 0.17 18.37 1.63
C LEU A 255 1.55 18.75 1.14
N ASP A 256 1.79 18.59 -0.16
CA ASP A 256 3.04 19.02 -0.76
C ASP A 256 2.78 20.13 -1.77
N VAL A 257 1.50 20.39 -2.05
CA VAL A 257 1.10 21.29 -3.14
C VAL A 257 -0.05 22.20 -2.71
N PHE A 258 -0.12 23.41 -3.27
CA PHE A 258 -1.08 24.41 -2.76
C PHE A 258 -1.83 25.11 -3.87
N ALA A 259 -3.08 25.49 -3.58
CA ALA A 259 -3.97 26.10 -4.56
C ALA A 259 -3.20 27.15 -5.36
N THR A 260 -2.38 27.93 -4.67
CA THR A 260 -1.43 28.78 -5.36
C THR A 260 -0.09 28.77 -4.66
N GLU A 261 0.98 28.58 -5.42
CA GLU A 261 2.33 28.67 -4.85
C GLU A 261 3.24 29.59 -5.66
N PRO A 262 4.19 30.27 -5.00
CA PRO A 262 4.59 30.12 -3.59
C PRO A 262 3.49 30.40 -2.57
N CYS A 263 3.35 29.51 -1.59
CA CYS A 263 2.36 29.65 -0.53
C CYS A 263 3.04 29.80 0.82
N THR A 264 2.80 30.93 1.48
CA THR A 264 3.43 31.20 2.78
C THR A 264 2.42 31.54 3.87
N ASP A 265 1.14 31.64 3.50
CA ASP A 265 0.16 32.20 4.42
C ASP A 265 -1.05 31.31 4.67
N SER A 266 -0.96 30.05 4.28
CA SER A 266 -2.08 29.13 4.48
C SER A 266 -2.42 29.00 5.96
N PRO A 267 -3.73 28.98 6.27
CA PRO A 267 -4.22 28.66 7.61
C PRO A 267 -3.79 27.24 8.03
N LEU A 268 -3.75 26.34 7.06
CA LEU A 268 -3.25 25.00 7.33
C LEU A 268 -1.90 25.05 8.03
N PHE A 269 -1.11 26.09 7.77
CA PHE A 269 0.22 26.21 8.43
C PHE A 269 0.12 26.47 9.93
N GLU A 270 -1.09 26.74 10.41
CA GLU A 270 -1.32 26.99 11.82
C GLU A 270 -1.78 25.72 12.52
N LEU A 271 -1.89 24.64 11.77
CA LEU A 271 -2.40 23.38 12.28
C LEU A 271 -1.30 22.32 12.38
N ALA A 272 -1.10 21.82 13.59
CA ALA A 272 -0.07 20.83 13.84
C ALA A 272 -0.37 19.50 13.16
N GLN A 273 -1.62 19.08 13.25
CA GLN A 273 -2.07 17.80 12.68
C GLN A 273 -2.03 17.76 11.14
N VAL A 274 -1.49 18.80 10.52
CA VAL A 274 -1.36 18.85 9.07
C VAL A 274 0.11 18.96 8.67
N VAL A 275 0.68 17.91 8.11
CA VAL A 275 2.07 17.99 7.65
C VAL A 275 2.18 18.63 6.24
N VAL A 276 3.08 19.61 6.08
CA VAL A 276 3.21 20.39 4.84
C VAL A 276 4.65 20.47 4.34
N THR A 277 4.84 20.43 3.02
CA THR A 277 6.18 20.52 2.40
C THR A 277 6.10 21.38 1.13
N PRO A 278 7.13 22.20 0.87
CA PRO A 278 7.02 23.17 -0.22
C PRO A 278 7.19 22.54 -1.61
N HIS A 279 6.21 21.74 -2.01
CA HIS A 279 6.23 21.10 -3.30
C HIS A 279 7.55 20.40 -3.53
N LEU A 280 7.82 19.37 -2.72
CA LEU A 280 9.11 18.66 -2.71
C LEU A 280 9.06 17.32 -3.40
N GLY A 281 7.87 16.92 -3.83
CA GLY A 281 7.67 15.60 -4.41
C GLY A 281 8.71 15.15 -5.41
N ALA A 282 9.23 16.07 -6.20
CA ALA A 282 10.26 15.68 -7.15
C ALA A 282 11.65 16.23 -6.81
N SER A 283 11.77 16.86 -5.65
CA SER A 283 13.06 17.45 -5.22
C SER A 283 14.04 16.38 -4.74
N THR A 284 14.62 15.68 -5.70
CA THR A 284 15.46 14.55 -5.47
C THR A 284 16.57 14.55 -6.56
N ALA A 285 17.81 14.30 -6.19
CA ALA A 285 18.86 14.19 -7.19
C ALA A 285 18.52 13.13 -8.21
N GLU A 286 18.01 12.00 -7.75
CA GLU A 286 17.67 10.92 -8.66
C GLU A 286 16.61 11.34 -9.70
N ALA A 287 15.59 12.09 -9.27
CA ALA A 287 14.51 12.53 -10.17
C ALA A 287 14.99 13.61 -11.16
N GLN A 288 15.86 14.49 -10.70
CA GLN A 288 16.41 15.53 -11.55
C GLN A 288 17.42 14.93 -12.53
N ASP A 289 18.28 14.06 -12.06
CA ASP A 289 19.12 13.29 -12.98
C ASP A 289 18.31 12.55 -14.03
N ARG A 290 17.21 11.89 -13.64
CA ARG A 290 16.44 11.07 -14.59
C ARG A 290 15.72 11.91 -15.65
N ALA A 291 15.16 13.02 -15.20
CA ALA A 291 14.57 14.02 -16.06
C ALA A 291 15.56 14.38 -17.17
N GLY A 292 16.84 14.53 -16.79
CA GLY A 292 17.89 14.88 -17.74
C GLY A 292 18.29 13.76 -18.66
N THR A 293 18.52 12.57 -18.13
CA THR A 293 18.92 11.47 -19.00
C THR A 293 17.76 11.07 -19.89
N ASP A 294 16.53 11.23 -19.40
CA ASP A 294 15.34 10.95 -20.22
C ASP A 294 15.38 11.86 -21.45
N VAL A 295 15.28 13.15 -21.17
CA VAL A 295 15.28 14.19 -22.20
C VAL A 295 16.53 14.16 -23.10
N ALA A 296 17.67 13.69 -22.59
CA ALA A 296 18.84 13.56 -23.45
C ALA A 296 18.61 12.47 -24.51
N GLU A 297 17.86 11.44 -24.16
CA GLU A 297 17.57 10.37 -25.10
C GLU A 297 16.51 10.83 -26.12
N SER A 298 15.45 11.48 -25.64
CA SER A 298 14.46 12.05 -26.55
C SER A 298 15.13 12.92 -27.59
N VAL A 299 16.11 13.74 -27.18
CA VAL A 299 16.81 14.64 -28.10
C VAL A 299 17.69 13.86 -29.08
N ARG A 300 18.23 12.73 -28.63
CA ARG A 300 19.01 11.89 -29.53
C ARG A 300 18.09 11.33 -30.62
N LEU A 301 17.01 10.66 -30.21
CA LEU A 301 16.07 10.07 -31.15
C LEU A 301 15.61 11.11 -32.16
N ALA A 302 15.25 12.29 -31.67
CA ALA A 302 14.76 13.38 -32.51
C ALA A 302 15.78 13.89 -33.53
N LEU A 303 17.05 13.85 -33.17
CA LEU A 303 18.09 14.32 -34.07
C LEU A 303 18.47 13.20 -35.04
N ALA A 304 18.15 11.97 -34.65
CA ALA A 304 18.41 10.81 -35.47
C ALA A 304 17.25 10.56 -36.43
N GLY A 305 16.38 11.56 -36.60
CA GLY A 305 15.21 11.41 -37.46
C GLY A 305 14.32 10.24 -37.03
N GLU A 306 14.60 9.72 -35.84
CA GLU A 306 13.83 8.61 -35.27
C GLU A 306 12.56 9.13 -34.58
N PHE A 307 11.78 8.20 -34.04
CA PHE A 307 10.47 8.53 -33.49
C PHE A 307 10.59 8.85 -32.00
N VAL A 308 9.88 9.88 -31.56
CA VAL A 308 10.06 10.41 -30.22
C VAL A 308 8.84 10.17 -29.35
N PRO A 309 8.89 9.11 -28.54
CA PRO A 309 7.77 8.62 -27.76
C PRO A 309 7.28 9.70 -26.81
N ASP A 310 8.22 10.47 -26.26
CA ASP A 310 7.91 11.43 -25.19
C ASP A 310 7.55 12.77 -25.77
N ALA A 311 7.28 12.80 -27.07
CA ALA A 311 6.90 14.04 -27.72
C ALA A 311 5.63 14.60 -27.10
N VAL A 312 5.44 15.91 -27.12
CA VAL A 312 4.33 16.52 -26.39
C VAL A 312 3.41 17.19 -27.37
N ASN A 313 3.94 17.43 -28.56
CA ASN A 313 3.24 18.12 -29.62
C ASN A 313 3.67 17.57 -30.97
N VAL A 314 3.30 18.27 -32.01
CA VAL A 314 3.64 17.84 -33.36
C VAL A 314 4.50 18.92 -34.01
N GLY A 315 5.66 18.55 -34.53
CA GLY A 315 6.52 19.54 -35.18
C GLY A 315 7.47 18.98 -36.22
N GLY A 316 7.44 19.54 -37.43
CA GLY A 316 8.35 19.10 -38.48
C GLY A 316 7.66 18.29 -39.57
N GLY A 317 8.38 17.32 -40.14
CA GLY A 317 7.79 16.39 -41.10
C GLY A 317 6.77 15.49 -40.42
N VAL A 318 6.83 15.44 -39.10
CA VAL A 318 5.98 14.59 -38.28
C VAL A 318 4.62 14.30 -38.91
N VAL A 319 4.10 15.28 -39.68
CA VAL A 319 2.76 15.17 -40.26
C VAL A 319 2.54 16.04 -41.50
N ASN A 320 2.13 15.37 -42.57
CA ASN A 320 1.65 15.96 -43.81
C ASN A 320 0.69 17.16 -43.64
N GLU A 321 0.60 18.00 -44.66
CA GLU A 321 -0.39 19.08 -44.71
C GLU A 321 -1.82 18.58 -44.95
N GLU A 322 -1.95 17.39 -45.50
CA GLU A 322 -3.25 16.86 -45.86
C GLU A 322 -3.91 16.32 -44.60
N VAL A 323 -3.11 15.66 -43.79
CA VAL A 323 -3.54 15.04 -42.55
C VAL A 323 -3.71 16.04 -41.39
N ALA A 324 -2.80 17.01 -41.32
CA ALA A 324 -2.65 17.91 -40.15
C ALA A 324 -3.96 18.46 -39.56
N PRO A 325 -4.88 18.96 -40.40
CA PRO A 325 -6.17 19.51 -39.93
C PRO A 325 -7.11 18.47 -39.32
N TRP A 326 -6.86 17.22 -39.62
CA TRP A 326 -7.68 16.16 -39.07
C TRP A 326 -7.37 15.86 -37.60
N LEU A 327 -6.20 16.28 -37.11
CA LEU A 327 -5.80 15.88 -35.75
C LEU A 327 -6.80 16.38 -34.72
N ASP A 328 -7.20 17.63 -34.86
CA ASP A 328 -8.05 18.23 -33.88
C ASP A 328 -9.48 17.71 -33.98
N LEU A 329 -9.92 17.36 -35.18
CA LEU A 329 -11.24 16.85 -35.35
C LEU A 329 -11.32 15.50 -34.66
N VAL A 330 -10.32 14.67 -34.94
CA VAL A 330 -10.29 13.31 -34.45
C VAL A 330 -10.13 13.27 -32.92
N ARG A 331 -9.46 14.28 -32.35
CA ARG A 331 -9.39 14.41 -30.91
C ARG A 331 -10.80 14.59 -30.35
N LYS A 332 -11.58 15.41 -31.04
CA LYS A 332 -12.95 15.70 -30.62
C LYS A 332 -13.87 14.48 -30.75
N LEU A 333 -13.65 13.66 -31.78
CA LEU A 333 -14.34 12.38 -31.91
C LEU A 333 -14.04 11.45 -30.71
N GLY A 334 -12.77 11.37 -30.30
CA GLY A 334 -12.42 10.63 -29.08
C GLY A 334 -13.12 11.16 -27.82
N VAL A 335 -13.20 12.46 -27.67
CA VAL A 335 -13.90 13.03 -26.53
C VAL A 335 -15.35 12.54 -26.55
N LEU A 336 -15.95 12.64 -27.72
CA LEU A 336 -17.34 12.36 -27.93
C LEU A 336 -17.67 10.88 -27.71
N ALA A 337 -16.89 10.00 -28.33
CA ALA A 337 -17.03 8.57 -28.13
C ALA A 337 -16.88 8.15 -26.66
N GLY A 338 -16.09 8.90 -25.90
CA GLY A 338 -15.91 8.61 -24.50
C GLY A 338 -17.10 9.08 -23.68
N VAL A 339 -17.65 10.21 -24.04
CA VAL A 339 -18.83 10.75 -23.38
C VAL A 339 -20.07 9.92 -23.67
N LEU A 340 -20.24 9.53 -24.92
CA LEU A 340 -21.39 8.69 -25.31
C LEU A 340 -21.31 7.25 -24.80
N SER A 341 -20.15 6.83 -24.29
CA SER A 341 -19.97 5.48 -23.78
C SER A 341 -20.47 5.40 -22.35
N ASP A 342 -21.06 4.25 -21.99
CA ASP A 342 -21.49 3.98 -20.61
C ASP A 342 -20.31 3.88 -19.66
N GLU A 343 -19.29 3.11 -20.01
CA GLU A 343 -18.04 3.19 -19.27
C GLU A 343 -16.89 3.25 -20.24
N LEU A 344 -15.67 3.33 -19.69
CA LEU A 344 -14.45 3.42 -20.44
C LEU A 344 -14.40 2.28 -21.44
N PRO A 345 -14.25 2.62 -22.72
CA PRO A 345 -14.07 1.57 -23.71
C PRO A 345 -12.75 0.86 -23.44
N VAL A 346 -12.64 -0.42 -23.80
CA VAL A 346 -11.34 -1.10 -23.69
C VAL A 346 -10.49 -0.73 -24.87
N SER A 347 -11.11 -0.31 -25.98
CA SER A 347 -10.34 0.14 -27.10
C SER A 347 -11.10 1.09 -28.01
N LEU A 348 -10.33 1.83 -28.81
CA LEU A 348 -10.83 2.71 -29.86
C LEU A 348 -10.39 2.13 -31.19
N SER A 349 -11.33 1.88 -32.09
CA SER A 349 -11.00 1.62 -33.50
C SER A 349 -11.25 2.87 -34.34
N VAL A 350 -10.18 3.38 -34.92
CA VAL A 350 -10.32 4.51 -35.79
C VAL A 350 -10.35 4.02 -37.24
N GLN A 351 -11.47 4.23 -37.92
CA GLN A 351 -11.59 3.93 -39.33
C GLN A 351 -11.45 5.18 -40.14
N VAL A 352 -10.51 5.13 -41.09
CA VAL A 352 -10.26 6.22 -42.00
C VAL A 352 -10.71 5.75 -43.35
N ARG A 353 -11.62 6.50 -43.97
CA ARG A 353 -12.26 6.09 -45.22
C ARG A 353 -12.23 7.19 -46.29
N GLY A 354 -12.20 6.78 -47.57
CA GLY A 354 -12.23 7.74 -48.67
C GLY A 354 -10.82 8.28 -48.91
N GLU A 355 -10.73 9.54 -49.35
CA GLU A 355 -9.49 10.08 -49.87
C GLU A 355 -8.37 10.11 -48.85
N LEU A 356 -8.72 10.47 -47.62
CA LEU A 356 -7.80 10.52 -46.50
C LEU A 356 -7.09 9.19 -46.27
N ALA A 357 -7.70 8.10 -46.74
CA ALA A 357 -7.15 6.77 -46.52
C ALA A 357 -5.81 6.58 -47.25
N ALA A 358 -5.50 7.47 -48.19
CA ALA A 358 -4.27 7.38 -48.96
C ALA A 358 -3.14 8.02 -48.19
N GLU A 359 -3.45 8.63 -47.06
CA GLU A 359 -2.43 9.36 -46.36
C GLU A 359 -1.83 8.48 -45.27
N GLU A 360 -0.73 8.97 -44.69
CA GLU A 360 -0.15 8.36 -43.50
C GLU A 360 -0.87 8.91 -42.28
N VAL A 361 -1.63 8.07 -41.60
CA VAL A 361 -2.61 8.55 -40.60
C VAL A 361 -2.49 7.93 -39.20
N GLU A 362 -1.37 7.30 -38.90
CA GLU A 362 -1.14 6.78 -37.56
C GLU A 362 -1.31 7.81 -36.43
N VAL A 363 -0.86 9.04 -36.64
CA VAL A 363 -1.10 10.09 -35.63
C VAL A 363 -2.59 10.24 -35.24
N LEU A 364 -3.49 9.99 -36.19
CA LEU A 364 -4.93 10.05 -35.91
C LEU A 364 -5.36 9.07 -34.80
N ARG A 365 -4.80 7.88 -34.81
CA ARG A 365 -4.96 6.97 -33.68
C ARG A 365 -4.55 7.66 -32.36
N LEU A 366 -3.48 8.45 -32.34
CA LEU A 366 -3.07 9.08 -31.07
C LEU A 366 -4.01 10.19 -30.66
N SER A 367 -4.51 10.95 -31.65
CA SER A 367 -5.50 12.02 -31.41
C SER A 367 -6.76 11.51 -30.74
N ALA A 368 -7.31 10.42 -31.28
CA ALA A 368 -8.48 9.76 -30.71
C ALA A 368 -8.26 9.48 -29.22
N LEU A 369 -7.12 8.88 -28.90
CA LEU A 369 -6.79 8.50 -27.52
C LEU A 369 -6.64 9.73 -26.65
N ARG A 370 -6.04 10.79 -27.20
CA ARG A 370 -5.85 12.05 -26.49
C ARG A 370 -7.20 12.62 -26.11
N GLY A 371 -8.15 12.50 -27.05
CA GLY A 371 -9.48 12.99 -26.84
C GLY A 371 -10.17 12.17 -25.79
N LEU A 372 -10.17 10.86 -25.97
CA LEU A 372 -10.81 9.96 -24.99
C LEU A 372 -10.34 10.27 -23.58
N PHE A 373 -9.05 10.54 -23.43
CA PHE A 373 -8.48 10.71 -22.08
C PHE A 373 -8.30 12.14 -21.59
N SER A 374 -8.90 13.12 -22.27
CA SER A 374 -8.68 14.52 -21.93
C SER A 374 -8.89 14.85 -20.46
N ALA A 375 -9.85 14.22 -19.82
CA ALA A 375 -10.15 14.49 -18.39
C ALA A 375 -8.97 14.17 -17.49
N VAL A 376 -8.02 13.37 -17.97
CA VAL A 376 -6.80 13.08 -17.22
C VAL A 376 -5.52 13.46 -17.98
N ILE A 377 -5.65 14.39 -18.92
CA ILE A 377 -4.50 14.95 -19.63
C ILE A 377 -4.49 16.49 -19.53
N GLU A 378 -3.32 17.05 -19.21
CA GLU A 378 -3.12 18.51 -19.07
C GLU A 378 -2.95 19.20 -20.43
N ASP A 379 -3.46 20.42 -20.55
CA ASP A 379 -3.75 20.99 -21.86
C ASP A 379 -2.57 21.01 -22.82
N ALA A 380 -1.41 21.47 -22.34
CA ALA A 380 -0.27 21.67 -23.23
C ALA A 380 0.04 20.45 -24.13
N VAL A 381 -0.06 19.24 -23.55
CA VAL A 381 0.19 17.97 -24.27
C VAL A 381 -0.83 17.74 -25.37
N THR A 382 -0.38 17.18 -26.51
CA THR A 382 -1.21 16.99 -27.72
C THR A 382 -1.11 15.53 -28.16
N PHE A 383 0.08 15.01 -27.97
CA PHE A 383 0.45 13.66 -28.34
C PHE A 383 0.40 12.98 -26.98
N VAL A 384 0.07 11.70 -26.94
CA VAL A 384 0.39 10.95 -25.74
C VAL A 384 1.02 9.65 -26.17
N ASN A 385 1.75 9.05 -25.24
CA ASN A 385 2.46 7.83 -25.55
C ASN A 385 1.48 6.65 -25.43
N ALA A 386 1.15 6.06 -26.58
CA ALA A 386 0.12 5.03 -26.67
C ALA A 386 0.46 3.74 -25.90
N PRO A 387 1.66 3.16 -26.14
CA PRO A 387 2.16 2.00 -25.40
C PRO A 387 2.12 2.18 -23.90
N ALA A 388 2.47 3.37 -23.42
CA ALA A 388 2.47 3.65 -22.00
C ALA A 388 1.02 3.74 -21.48
N LEU A 389 0.18 4.41 -22.25
CA LEU A 389 -1.22 4.49 -21.93
C LEU A 389 -1.87 3.09 -21.83
N ALA A 390 -1.59 2.25 -22.82
CA ALA A 390 -2.10 0.89 -22.83
C ALA A 390 -1.69 0.09 -21.60
N ALA A 391 -0.41 0.15 -21.26
CA ALA A 391 0.15 -0.51 -20.06
C ALA A 391 -0.33 0.08 -18.74
N GLU A 392 -0.39 1.40 -18.65
CA GLU A 392 -0.83 2.06 -17.42
C GLU A 392 -2.36 1.91 -17.20
N ARG A 393 -3.17 2.20 -18.20
CA ARG A 393 -4.62 2.32 -18.00
C ARG A 393 -5.48 1.23 -18.64
N GLY A 394 -4.88 0.42 -19.51
CA GLY A 394 -5.58 -0.73 -20.07
C GLY A 394 -6.40 -0.51 -21.33
N VAL A 395 -6.21 0.65 -21.98
CA VAL A 395 -6.94 0.98 -23.20
C VAL A 395 -6.04 1.09 -24.42
N THR A 396 -6.44 0.46 -25.53
CA THR A 396 -5.64 0.54 -26.75
C THR A 396 -6.41 1.24 -27.88
N ALA A 397 -5.69 1.54 -28.97
CA ALA A 397 -6.29 2.07 -30.19
C ALA A 397 -5.66 1.41 -31.41
N GLU A 398 -6.46 1.23 -32.46
CA GLU A 398 -5.96 0.82 -33.77
C GLU A 398 -6.52 1.74 -34.86
N ILE A 399 -5.88 1.74 -36.02
CA ILE A 399 -6.35 2.43 -37.21
C ILE A 399 -6.66 1.36 -38.24
N CYS A 400 -7.73 1.57 -39.01
CA CYS A 400 -8.10 0.74 -40.14
C CYS A 400 -8.38 1.69 -41.27
N LYS A 401 -7.92 1.36 -42.47
CA LYS A 401 -8.26 2.15 -43.66
C LYS A 401 -9.20 1.42 -44.60
N ALA A 402 -10.03 2.19 -45.32
CA ALA A 402 -10.87 1.67 -46.40
C ALA A 402 -10.87 2.70 -47.51
N SER A 403 -10.79 2.25 -48.76
CA SER A 403 -10.76 3.17 -49.89
C SER A 403 -12.06 3.98 -49.95
N GLU A 404 -13.17 3.31 -49.71
CA GLU A 404 -14.45 3.95 -49.85
C GLU A 404 -15.06 4.61 -48.61
N SER A 405 -15.49 5.85 -48.80
CA SER A 405 -16.33 6.52 -47.84
C SER A 405 -17.69 6.61 -48.51
N PRO A 406 -18.74 6.22 -47.78
CA PRO A 406 -20.10 6.17 -48.37
C PRO A 406 -20.66 7.47 -48.91
N ASN A 407 -20.36 8.59 -48.29
CA ASN A 407 -21.03 9.82 -48.63
C ASN A 407 -20.01 10.96 -48.83
N HIS A 408 -19.34 11.38 -47.77
CA HIS A 408 -18.32 12.43 -47.87
C HIS A 408 -17.10 11.83 -48.56
N ARG A 409 -16.31 12.66 -49.22
CA ARG A 409 -15.09 12.19 -49.89
C ARG A 409 -14.13 11.56 -48.89
N SER A 410 -14.16 12.03 -47.65
CA SER A 410 -13.37 11.43 -46.56
C SER A 410 -14.18 11.54 -45.30
N VAL A 411 -14.10 10.50 -44.48
CA VAL A 411 -14.72 10.53 -43.18
C VAL A 411 -13.77 9.75 -42.26
N VAL A 412 -13.75 10.13 -40.99
CA VAL A 412 -13.11 9.34 -39.95
C VAL A 412 -14.16 8.90 -38.92
N ASP A 413 -14.25 7.59 -38.68
CA ASP A 413 -15.16 7.06 -37.68
C ASP A 413 -14.37 6.63 -36.47
N VAL A 414 -14.77 7.05 -35.29
CA VAL A 414 -14.15 6.50 -34.08
C VAL A 414 -15.11 5.49 -33.44
N ARG A 415 -14.72 4.22 -33.44
CA ARG A 415 -15.47 3.16 -32.71
C ARG A 415 -14.89 2.91 -31.31
N ALA A 416 -15.68 3.21 -30.30
CA ALA A 416 -15.27 2.99 -28.92
C ALA A 416 -15.87 1.64 -28.54
N VAL A 417 -15.02 0.66 -28.28
CA VAL A 417 -15.54 -0.67 -27.98
C VAL A 417 -15.50 -1.06 -26.50
N GLY A 418 -16.64 -1.49 -25.99
CA GLY A 418 -16.75 -1.84 -24.60
C GLY A 418 -16.29 -3.26 -24.41
N ALA A 419 -15.88 -3.54 -23.18
CA ALA A 419 -15.46 -4.86 -22.77
C ALA A 419 -16.55 -5.91 -23.05
N ASP A 420 -17.79 -5.48 -23.14
CA ASP A 420 -18.87 -6.44 -23.37
C ASP A 420 -19.16 -6.56 -24.86
N GLY A 421 -18.36 -5.89 -25.68
CA GLY A 421 -18.52 -5.99 -27.13
C GLY A 421 -19.50 -5.00 -27.70
N SER A 422 -20.02 -4.07 -26.88
CA SER A 422 -20.90 -3.06 -27.40
C SER A 422 -20.03 -1.97 -28.01
N VAL A 423 -20.63 -1.17 -28.89
CA VAL A 423 -19.83 -0.24 -29.68
C VAL A 423 -20.52 1.09 -29.78
N VAL A 424 -19.75 2.15 -29.59
CA VAL A 424 -20.25 3.49 -29.82
C VAL A 424 -19.44 4.05 -30.97
N THR A 425 -20.14 4.61 -31.96
CA THR A 425 -19.51 5.13 -33.15
C THR A 425 -19.80 6.61 -33.32
N VAL A 426 -18.75 7.39 -33.57
CA VAL A 426 -18.90 8.82 -33.89
C VAL A 426 -18.03 9.17 -35.09
N SER A 427 -18.56 9.94 -36.06
CA SER A 427 -17.82 10.28 -37.25
C SER A 427 -17.71 11.77 -37.49
N GLY A 428 -16.59 12.20 -38.09
CA GLY A 428 -16.50 13.56 -38.59
C GLY A 428 -15.83 13.68 -39.93
N THR A 429 -16.08 14.80 -40.62
CA THR A 429 -15.30 15.22 -41.78
C THR A 429 -14.84 16.64 -41.63
N LEU A 430 -13.94 17.00 -42.54
CA LEU A 430 -13.60 18.39 -42.83
C LEU A 430 -13.97 18.65 -44.28
N TYR A 431 -14.46 19.84 -44.56
CA TYR A 431 -14.63 20.22 -45.95
C TYR A 431 -14.70 21.73 -46.07
N GLY A 432 -14.38 22.22 -47.25
CA GLY A 432 -14.60 23.61 -47.56
C GLY A 432 -13.33 24.40 -47.55
N PRO A 433 -13.42 25.63 -48.08
CA PRO A 433 -12.22 26.46 -48.14
C PRO A 433 -11.59 26.62 -46.75
N GLN A 434 -12.43 26.61 -45.71
CA GLN A 434 -11.97 26.79 -44.35
C GLN A 434 -11.77 25.46 -43.62
N LEU A 435 -12.15 24.36 -44.27
CA LEU A 435 -11.99 23.06 -43.64
C LEU A 435 -12.70 23.03 -42.29
N SER A 436 -13.95 23.43 -42.26
CA SER A 436 -14.68 23.38 -41.02
C SER A 436 -14.89 21.93 -40.57
N GLN A 437 -14.71 21.73 -39.28
CA GLN A 437 -14.85 20.43 -38.64
C GLN A 437 -16.31 20.14 -38.40
N LYS A 438 -16.76 18.98 -38.88
CA LYS A 438 -18.18 18.60 -38.75
C LYS A 438 -18.30 17.21 -38.16
N ILE A 439 -19.17 17.11 -37.16
CA ILE A 439 -19.63 15.82 -36.71
C ILE A 439 -20.77 15.37 -37.65
N VAL A 440 -20.65 14.16 -38.19
CA VAL A 440 -21.55 13.74 -39.28
C VAL A 440 -22.32 12.43 -38.98
N GLN A 441 -21.93 11.74 -37.91
CA GLN A 441 -22.67 10.55 -37.52
C GLN A 441 -22.49 10.22 -36.06
N ILE A 442 -23.56 9.79 -35.42
CA ILE A 442 -23.47 9.14 -34.12
C ILE A 442 -24.32 7.90 -34.15
N ASN A 443 -23.71 6.75 -33.90
CA ASN A 443 -24.41 5.46 -33.85
C ASN A 443 -25.45 5.27 -34.96
N GLY A 444 -25.03 5.36 -36.21
CA GLY A 444 -25.91 5.09 -37.36
C GLY A 444 -26.87 6.22 -37.70
N ARG A 445 -26.86 7.32 -36.95
CA ARG A 445 -27.66 8.50 -37.30
C ARG A 445 -26.75 9.54 -37.90
N HIS A 446 -27.18 10.11 -39.04
CA HIS A 446 -26.39 11.04 -39.82
C HIS A 446 -26.89 12.47 -39.71
N PHE A 447 -25.98 13.43 -39.79
CA PHE A 447 -26.32 14.84 -39.66
C PHE A 447 -25.08 15.64 -40.01
N ASP A 448 -25.13 16.95 -39.80
CA ASP A 448 -23.98 17.82 -40.09
C ASP A 448 -23.92 18.96 -39.08
N LEU A 449 -23.14 18.78 -38.01
CA LEU A 449 -23.04 19.76 -36.93
C LEU A 449 -21.60 20.15 -36.64
N ARG A 450 -21.34 21.44 -36.49
CA ARG A 450 -20.05 21.96 -36.08
C ARG A 450 -19.45 21.20 -34.92
N ALA A 451 -18.19 20.77 -35.08
CA ALA A 451 -17.50 20.18 -33.94
C ALA A 451 -16.89 21.30 -33.12
N GLN A 452 -17.70 21.93 -32.28
CA GLN A 452 -17.31 23.08 -31.48
C GLN A 452 -18.33 23.34 -30.34
N GLY A 453 -17.93 24.15 -29.36
CA GLY A 453 -18.82 24.63 -28.32
C GLY A 453 -19.37 23.63 -27.31
N ILE A 454 -20.33 24.09 -26.53
CA ILE A 454 -20.92 23.27 -25.50
C ILE A 454 -22.03 22.48 -26.13
N ASN A 455 -21.90 21.16 -26.08
CA ASN A 455 -22.94 20.31 -26.64
C ASN A 455 -23.63 19.48 -25.57
N LEU A 456 -24.95 19.51 -25.60
CA LEU A 456 -25.79 18.69 -24.75
C LEU A 456 -26.37 17.52 -25.55
N ILE A 457 -26.23 16.33 -24.97
CA ILE A 457 -26.66 15.11 -25.59
C ILE A 457 -27.55 14.37 -24.62
N ILE A 458 -28.71 13.93 -25.10
CA ILE A 458 -29.73 13.29 -24.27
C ILE A 458 -30.26 12.03 -24.98
N HIS A 459 -30.23 10.89 -24.28
CA HIS A 459 -30.97 9.71 -24.73
C HIS A 459 -32.16 9.59 -23.80
N TYR A 460 -33.36 9.44 -24.34
CA TYR A 460 -34.53 9.51 -23.51
C TYR A 460 -35.67 8.67 -24.09
N VAL A 461 -36.74 8.50 -23.33
CA VAL A 461 -37.74 7.46 -23.64
C VAL A 461 -39.14 8.02 -23.88
N ASP A 462 -39.46 9.15 -23.24
CA ASP A 462 -40.78 9.79 -23.40
C ASP A 462 -40.68 10.80 -24.55
N ARG A 463 -41.36 10.52 -25.66
CA ARG A 463 -41.08 11.19 -26.93
C ARG A 463 -41.95 12.40 -27.31
N PRO A 464 -43.30 12.27 -27.25
CA PRO A 464 -44.17 13.32 -27.79
C PRO A 464 -44.03 14.66 -27.05
N GLY A 465 -43.86 15.74 -27.83
CA GLY A 465 -43.60 17.06 -27.26
C GLY A 465 -42.24 17.20 -26.58
N ALA A 466 -41.33 16.24 -26.77
CA ALA A 466 -40.05 16.31 -26.07
C ALA A 466 -39.20 17.49 -26.51
N LEU A 467 -39.20 17.76 -27.82
CA LEU A 467 -38.50 18.92 -28.35
C LEU A 467 -38.95 20.20 -27.65
N GLY A 468 -40.26 20.36 -27.51
CA GLY A 468 -40.82 21.50 -26.80
C GLY A 468 -40.38 21.57 -25.37
N LYS A 469 -40.46 20.46 -24.65
CA LYS A 469 -40.08 20.42 -23.24
C LYS A 469 -38.65 20.84 -23.06
N ILE A 470 -37.77 20.27 -23.85
CA ILE A 470 -36.35 20.53 -23.70
C ILE A 470 -36.04 21.98 -24.03
N GLY A 471 -36.45 22.42 -25.22
CA GLY A 471 -36.18 23.79 -25.64
C GLY A 471 -36.80 24.83 -24.72
N THR A 472 -37.93 24.48 -24.10
CA THR A 472 -38.59 25.42 -23.19
C THR A 472 -37.85 25.54 -21.86
N LEU A 473 -37.43 24.41 -21.29
CA LEU A 473 -36.60 24.42 -20.09
C LEU A 473 -35.29 25.18 -20.29
N LEU A 474 -34.61 24.89 -21.39
CA LEU A 474 -33.34 25.53 -21.70
C LEU A 474 -33.50 27.04 -21.86
N GLY A 475 -34.58 27.44 -22.53
CA GLY A 475 -34.76 28.85 -22.84
C GLY A 475 -35.29 29.64 -21.65
N THR A 476 -35.94 28.94 -20.75
CA THR A 476 -36.32 29.54 -19.48
C THR A 476 -35.05 29.73 -18.62
N ALA A 477 -34.09 28.84 -18.75
CA ALA A 477 -32.81 29.03 -18.06
C ALA A 477 -31.94 30.10 -18.72
N GLY A 478 -32.40 30.69 -19.80
CA GLY A 478 -31.61 31.70 -20.51
C GLY A 478 -30.57 31.13 -21.49
N VAL A 479 -30.62 29.82 -21.72
CA VAL A 479 -29.64 29.17 -22.59
C VAL A 479 -29.99 29.21 -24.08
N ASN A 480 -29.13 29.81 -24.88
CA ASN A 480 -29.34 29.78 -26.32
C ASN A 480 -28.98 28.43 -26.94
N ILE A 481 -29.78 28.03 -27.93
CA ILE A 481 -29.60 26.80 -28.64
C ILE A 481 -29.15 27.14 -30.02
N GLN A 482 -27.90 26.84 -30.33
CA GLN A 482 -27.32 27.25 -31.60
C GLN A 482 -27.70 26.30 -32.75
N ALA A 483 -27.63 25.00 -32.51
CA ALA A 483 -27.87 24.02 -33.54
C ALA A 483 -28.45 22.80 -32.87
N ALA A 484 -29.03 21.89 -33.63
CA ALA A 484 -29.64 20.74 -33.01
C ALA A 484 -29.83 19.58 -33.94
N GLN A 485 -29.79 18.39 -33.38
CA GLN A 485 -29.99 17.20 -34.14
C GLN A 485 -30.75 16.24 -33.27
N LEU A 486 -31.84 15.72 -33.80
CA LEU A 486 -32.68 14.82 -33.02
C LEU A 486 -33.39 13.85 -33.91
N SER A 487 -33.62 12.67 -33.38
CA SER A 487 -34.21 11.57 -34.14
C SER A 487 -34.76 10.52 -33.18
N GLU A 488 -35.85 9.89 -33.59
CA GLU A 488 -36.38 8.79 -32.83
C GLU A 488 -35.64 7.53 -33.25
N ASP A 489 -35.20 6.75 -32.26
CA ASP A 489 -34.49 5.48 -32.47
C ASP A 489 -35.13 4.61 -33.54
N ALA A 490 -34.30 3.88 -34.30
CA ALA A 490 -34.82 3.04 -35.40
C ALA A 490 -35.62 1.87 -34.82
N GLU A 491 -35.05 1.28 -33.76
CA GLU A 491 -35.73 0.22 -33.03
C GLU A 491 -35.78 0.55 -31.53
N GLY A 492 -37.00 0.59 -30.99
CA GLY A 492 -37.17 0.77 -29.56
C GLY A 492 -38.03 1.97 -29.23
N PRO A 493 -38.26 2.19 -27.93
CA PRO A 493 -39.03 3.33 -27.38
C PRO A 493 -38.19 4.62 -27.25
N GLY A 494 -36.87 4.50 -27.42
CA GLY A 494 -35.94 5.61 -27.22
C GLY A 494 -35.89 6.68 -28.33
N ALA A 495 -35.23 7.78 -28.00
CA ALA A 495 -34.94 8.86 -28.92
C ALA A 495 -33.69 9.55 -28.42
N THR A 496 -33.09 10.35 -29.28
CA THR A 496 -31.82 10.97 -28.94
C THR A 496 -31.81 12.37 -29.52
N ILE A 497 -31.06 13.25 -28.87
CA ILE A 497 -30.96 14.61 -29.35
C ILE A 497 -29.61 15.17 -28.94
N LEU A 498 -29.02 15.95 -29.84
CA LEU A 498 -27.79 16.63 -29.52
C LEU A 498 -27.97 18.13 -29.79
N LEU A 499 -27.63 18.98 -28.82
CA LEU A 499 -27.77 20.43 -29.04
C LEU A 499 -26.51 21.20 -28.74
N ARG A 500 -26.19 22.16 -29.61
CA ARG A 500 -25.09 23.06 -29.31
C ARG A 500 -25.67 24.27 -28.61
N LEU A 501 -25.10 24.56 -27.44
CA LEU A 501 -25.59 25.64 -26.58
C LEU A 501 -24.53 26.74 -26.46
N ASP A 502 -24.95 27.92 -26.01
CA ASP A 502 -24.02 29.03 -25.88
C ASP A 502 -23.42 29.08 -24.47
N GLN A 503 -23.91 28.21 -23.59
CA GLN A 503 -23.39 28.12 -22.22
C GLN A 503 -23.67 26.74 -21.62
N ASP A 504 -23.05 26.45 -20.49
CA ASP A 504 -23.32 25.20 -19.78
C ASP A 504 -24.74 25.20 -19.18
N VAL A 505 -25.20 24.02 -18.78
CA VAL A 505 -26.54 23.84 -18.21
C VAL A 505 -26.45 23.60 -16.71
N PRO A 506 -27.00 24.51 -15.91
CA PRO A 506 -27.02 24.32 -14.44
C PRO A 506 -27.60 22.95 -14.08
N ASP A 507 -27.18 22.39 -12.93
CA ASP A 507 -27.51 21.00 -12.56
C ASP A 507 -29.00 20.81 -12.35
N ASP A 508 -29.64 21.77 -11.70
CA ASP A 508 -31.06 21.66 -11.43
C ASP A 508 -31.85 21.55 -12.72
N VAL A 509 -31.55 22.44 -13.67
CA VAL A 509 -32.19 22.37 -14.99
C VAL A 509 -31.89 21.06 -15.75
N ARG A 510 -30.66 20.56 -15.67
CA ARG A 510 -30.37 19.25 -16.22
C ARG A 510 -31.28 18.20 -15.58
N THR A 511 -31.48 18.31 -14.27
CA THR A 511 -32.32 17.38 -13.54
C THR A 511 -33.75 17.53 -14.05
N ALA A 512 -34.18 18.77 -14.22
CA ALA A 512 -35.51 19.05 -14.75
C ALA A 512 -35.72 18.43 -16.15
N ILE A 513 -34.74 18.60 -17.02
CA ILE A 513 -34.83 18.06 -18.38
C ILE A 513 -34.89 16.55 -18.34
N ALA A 514 -33.99 15.94 -17.58
CA ALA A 514 -33.96 14.49 -17.47
C ALA A 514 -35.34 13.98 -17.04
N ALA A 515 -35.89 14.63 -16.01
CA ALA A 515 -37.22 14.32 -15.50
C ALA A 515 -38.30 14.55 -16.55
N ALA A 516 -38.23 15.68 -17.23
CA ALA A 516 -39.25 16.01 -18.22
C ALA A 516 -39.38 15.00 -19.37
N VAL A 517 -38.28 14.44 -19.84
CA VAL A 517 -38.40 13.55 -21.00
C VAL A 517 -38.02 12.14 -20.63
N ASP A 518 -37.83 11.91 -19.34
CA ASP A 518 -37.52 10.59 -18.86
C ASP A 518 -36.23 10.12 -19.57
N ALA A 519 -35.14 10.82 -19.29
CA ALA A 519 -33.85 10.51 -19.92
C ALA A 519 -33.17 9.34 -19.21
N TYR A 520 -32.48 8.50 -19.97
CA TYR A 520 -31.60 7.54 -19.35
C TYR A 520 -30.14 7.98 -19.43
N LYS A 521 -29.82 8.83 -20.40
CA LYS A 521 -28.48 9.43 -20.50
C LYS A 521 -28.59 10.92 -20.75
N LEU A 522 -27.83 11.69 -19.99
CA LEU A 522 -27.81 13.11 -20.20
C LEU A 522 -26.37 13.55 -20.04
N GLU A 523 -25.78 14.13 -21.09
CA GLU A 523 -24.43 14.64 -20.95
C GLU A 523 -24.20 16.01 -21.58
N VAL A 524 -23.30 16.77 -20.96
CA VAL A 524 -22.86 18.02 -21.53
C VAL A 524 -21.35 17.97 -21.75
N VAL A 525 -20.94 18.13 -23.00
CA VAL A 525 -19.53 18.10 -23.34
C VAL A 525 -19.14 19.37 -24.09
N ASP A 526 -17.99 19.91 -23.74
CA ASP A 526 -17.42 21.06 -24.41
C ASP A 526 -16.46 20.57 -25.49
N LEU A 527 -16.76 20.88 -26.74
CA LEU A 527 -15.94 20.44 -27.85
C LEU A 527 -15.03 21.55 -28.37
N SER A 528 -14.67 22.50 -27.52
CA SER A 528 -13.82 23.58 -28.00
C SER A 528 -12.38 23.37 -27.60
N SER B 2 -14.95 -16.10 45.90
CA SER B 2 -15.25 -14.78 45.24
C SER B 2 -14.24 -14.45 44.13
N LEU B 3 -14.64 -13.55 43.24
CA LEU B 3 -13.88 -13.22 42.03
C LEU B 3 -12.46 -12.77 42.31
N PRO B 4 -11.50 -13.27 41.52
CA PRO B 4 -10.12 -12.79 41.53
C PRO B 4 -10.06 -11.29 41.20
N VAL B 5 -9.21 -10.55 41.89
CA VAL B 5 -9.05 -9.11 41.64
C VAL B 5 -7.91 -8.78 40.65
N VAL B 6 -8.29 -8.29 39.47
CA VAL B 6 -7.32 -7.78 38.50
C VAL B 6 -7.24 -6.25 38.57
N LEU B 7 -6.16 -5.75 39.17
CA LEU B 7 -5.94 -4.32 39.35
C LEU B 7 -5.17 -3.65 38.18
N ILE B 8 -5.81 -2.67 37.55
CA ILE B 8 -5.21 -1.89 36.46
C ILE B 8 -4.61 -0.58 36.99
N ALA B 9 -3.29 -0.42 36.89
CA ALA B 9 -2.60 0.72 37.53
C ALA B 9 -2.23 1.88 36.61
N ASP B 10 -2.33 1.66 35.31
CA ASP B 10 -2.08 2.71 34.32
C ASP B 10 -3.21 2.80 33.30
N LYS B 11 -3.17 3.83 32.46
CA LYS B 11 -4.19 4.03 31.44
C LYS B 11 -4.01 3.03 30.29
N LEU B 12 -4.68 1.89 30.40
CA LEU B 12 -4.58 0.87 29.37
C LEU B 12 -5.72 1.03 28.37
N ALA B 13 -5.58 0.37 27.23
CA ALA B 13 -6.62 0.30 26.21
C ALA B 13 -7.94 -0.30 26.75
N PRO B 14 -9.09 0.20 26.26
CA PRO B 14 -10.38 -0.30 26.77
C PRO B 14 -10.66 -1.75 26.40
N SER B 15 -9.99 -2.26 25.36
CA SER B 15 -10.08 -3.66 24.98
C SER B 15 -9.66 -4.60 26.13
N THR B 16 -8.77 -4.10 26.97
CA THR B 16 -8.24 -4.84 28.09
C THR B 16 -9.39 -5.25 29.02
N VAL B 17 -10.15 -4.26 29.47
CA VAL B 17 -11.17 -4.54 30.48
C VAL B 17 -12.27 -5.46 29.93
N ALA B 18 -12.67 -5.23 28.69
CA ALA B 18 -13.64 -6.13 28.03
C ALA B 18 -13.12 -7.58 27.98
N ALA B 19 -11.88 -7.77 27.53
CA ALA B 19 -11.30 -9.10 27.44
C ALA B 19 -11.06 -9.72 28.82
N LEU B 20 -10.87 -8.89 29.83
CA LEU B 20 -10.79 -9.41 31.18
C LEU B 20 -12.13 -10.04 31.61
N GLY B 21 -13.24 -9.42 31.22
CA GLY B 21 -14.58 -10.00 31.38
C GLY B 21 -15.14 -10.25 32.78
N ASP B 22 -16.17 -11.11 32.82
CA ASP B 22 -17.03 -11.42 33.98
C ASP B 22 -16.39 -12.08 35.17
N GLN B 23 -15.49 -13.02 34.88
CA GLN B 23 -15.04 -14.02 35.86
C GLN B 23 -14.00 -13.46 36.78
N VAL B 24 -13.73 -12.18 36.64
CA VAL B 24 -12.71 -11.51 37.40
C VAL B 24 -13.33 -10.22 37.94
N GLU B 25 -12.78 -9.67 39.00
CA GLU B 25 -13.16 -8.31 39.38
C GLU B 25 -12.09 -7.30 38.96
N VAL B 26 -12.38 -6.50 37.95
CA VAL B 26 -11.45 -5.46 37.55
C VAL B 26 -11.54 -4.26 38.47
N ARG B 27 -10.40 -3.85 39.02
CA ARG B 27 -10.31 -2.60 39.76
C ARG B 27 -9.27 -1.69 39.09
N TRP B 28 -9.23 -0.42 39.48
CA TRP B 28 -8.31 0.56 38.89
C TRP B 28 -7.67 1.42 39.96
N VAL B 29 -6.47 1.92 39.69
CA VAL B 29 -5.74 2.75 40.64
C VAL B 29 -4.81 3.70 39.89
N ASP B 30 -4.59 4.91 40.43
CA ASP B 30 -3.58 5.82 39.88
C ASP B 30 -2.19 5.32 40.29
N GLY B 31 -1.61 4.46 39.46
CA GLY B 31 -0.36 3.78 39.77
C GLY B 31 0.81 4.64 40.21
N PRO B 32 1.12 5.70 39.43
CA PRO B 32 2.18 6.63 39.79
C PRO B 32 2.06 7.14 41.21
N ASP B 33 0.84 7.25 41.73
CA ASP B 33 0.64 7.59 43.14
C ASP B 33 0.94 6.41 44.07
N ARG B 34 2.12 6.46 44.67
CA ARG B 34 2.57 5.44 45.62
C ARG B 34 1.58 5.12 46.72
N ASP B 35 1.04 6.16 47.33
CA ASP B 35 0.11 6.01 48.42
C ASP B 35 -1.13 5.25 47.96
N LYS B 36 -1.75 5.71 46.88
CA LYS B 36 -2.91 5.04 46.29
C LYS B 36 -2.61 3.57 45.97
N LEU B 37 -1.51 3.36 45.25
CA LEU B 37 -1.05 2.03 44.84
C LEU B 37 -0.88 1.04 45.99
N LEU B 38 -0.07 1.39 46.99
CA LEU B 38 0.21 0.50 48.10
C LEU B 38 -1.05 0.17 48.90
N ALA B 39 -2.12 0.92 48.66
CA ALA B 39 -3.37 0.70 49.41
C ALA B 39 -4.29 -0.26 48.67
N ALA B 40 -4.17 -0.28 47.36
CA ALA B 40 -5.07 -1.08 46.52
C ALA B 40 -4.49 -2.47 46.23
N VAL B 41 -3.17 -2.55 46.29
CA VAL B 41 -2.42 -3.72 45.84
C VAL B 41 -2.60 -5.01 46.69
N PRO B 42 -2.68 -4.85 48.04
CA PRO B 42 -2.92 -5.93 48.98
C PRO B 42 -3.90 -6.99 48.51
N GLU B 43 -4.87 -6.62 47.67
CA GLU B 43 -5.94 -7.53 47.30
C GLU B 43 -5.92 -8.07 45.88
N ALA B 44 -4.96 -7.60 45.08
CA ALA B 44 -4.86 -7.99 43.68
C ALA B 44 -4.22 -9.38 43.46
N ASP B 45 -4.90 -10.21 42.68
CA ASP B 45 -4.35 -11.46 42.15
C ASP B 45 -3.46 -11.19 40.93
N ALA B 46 -3.68 -10.01 40.33
CA ALA B 46 -3.03 -9.67 39.08
C ALA B 46 -2.91 -8.16 39.03
N LEU B 47 -1.72 -7.68 38.66
CA LEU B 47 -1.44 -6.24 38.55
C LEU B 47 -1.05 -5.89 37.13
N LEU B 48 -1.79 -4.98 36.49
CA LEU B 48 -1.44 -4.55 35.13
C LEU B 48 -0.87 -3.13 35.08
N VAL B 49 0.17 -2.95 34.26
CA VAL B 49 0.80 -1.64 34.11
C VAL B 49 1.19 -1.34 32.67
N ARG B 50 1.59 -0.11 32.46
CA ARG B 50 2.13 0.26 31.19
C ARG B 50 3.57 0.69 31.43
N SER B 51 3.82 1.99 31.58
CA SER B 51 5.18 2.45 31.90
C SER B 51 5.24 3.37 33.12
N ALA B 52 4.19 4.17 33.32
CA ALA B 52 4.20 5.21 34.35
C ALA B 52 4.35 4.71 35.78
N THR B 53 3.83 3.53 36.09
CA THR B 53 3.94 3.00 37.46
C THR B 53 5.13 2.05 37.67
N THR B 54 5.63 1.99 38.90
CA THR B 54 6.85 1.25 39.19
C THR B 54 6.57 0.01 40.03
N VAL B 55 6.87 -1.16 39.46
CA VAL B 55 6.60 -2.38 40.18
C VAL B 55 7.88 -2.91 40.82
N ASP B 56 8.13 -2.48 42.06
CA ASP B 56 9.34 -2.84 42.80
C ASP B 56 9.05 -3.74 43.99
N ALA B 57 10.11 -4.12 44.72
CA ALA B 57 9.96 -5.01 45.87
C ALA B 57 8.92 -4.46 46.83
N GLU B 58 8.88 -3.12 46.94
CA GLU B 58 7.92 -2.47 47.83
C GLU B 58 6.51 -2.93 47.46
N VAL B 59 6.21 -2.88 46.16
CA VAL B 59 4.88 -3.19 45.67
C VAL B 59 4.56 -4.67 45.85
N LEU B 60 5.52 -5.52 45.50
CA LEU B 60 5.37 -6.96 45.64
C LEU B 60 5.15 -7.34 47.09
N ALA B 61 6.04 -6.87 47.96
CA ALA B 61 5.95 -7.16 49.39
C ALA B 61 4.55 -6.91 49.92
N ALA B 62 3.92 -5.84 49.41
CA ALA B 62 2.57 -5.48 49.84
C ALA B 62 1.46 -6.36 49.21
N ALA B 63 1.82 -7.24 48.27
CA ALA B 63 0.80 -7.99 47.53
C ALA B 63 0.86 -9.52 47.70
N PRO B 64 0.33 -10.01 48.83
CA PRO B 64 0.37 -11.42 49.21
C PRO B 64 -0.41 -12.31 48.25
N LYS B 65 -1.34 -11.71 47.51
CA LYS B 65 -2.23 -12.50 46.66
C LYS B 65 -1.72 -12.53 45.23
N LEU B 66 -0.69 -11.74 44.97
CA LEU B 66 -0.26 -11.43 43.60
C LEU B 66 0.35 -12.62 42.86
N LYS B 67 -0.29 -13.00 41.75
CA LYS B 67 0.13 -14.15 40.99
C LYS B 67 0.78 -13.76 39.66
N ILE B 68 0.44 -12.58 39.16
CA ILE B 68 0.98 -12.11 37.90
C ILE B 68 1.08 -10.59 37.82
N VAL B 69 2.22 -10.11 37.35
CA VAL B 69 2.36 -8.73 36.96
C VAL B 69 2.49 -8.69 35.44
N ALA B 70 1.64 -7.90 34.79
CA ALA B 70 1.63 -7.80 33.34
C ALA B 70 1.84 -6.36 32.89
N ARG B 71 2.74 -6.16 31.94
CA ARG B 71 2.90 -4.86 31.33
C ARG B 71 2.35 -4.86 29.92
N ALA B 72 1.47 -3.89 29.63
CA ALA B 72 0.89 -3.71 28.30
C ALA B 72 1.93 -3.05 27.39
N GLY B 73 2.91 -3.84 26.97
CA GLY B 73 4.02 -3.32 26.20
C GLY B 73 5.15 -4.35 26.12
N VAL B 74 6.16 -4.04 25.32
CA VAL B 74 7.31 -4.93 25.11
C VAL B 74 8.38 -4.81 26.19
N GLY B 75 8.82 -3.59 26.50
CA GLY B 75 9.87 -3.42 27.51
C GLY B 75 9.40 -3.71 28.93
N LEU B 76 10.34 -3.83 29.85
CA LEU B 76 10.03 -4.20 31.22
C LEU B 76 10.86 -3.41 32.22
N ASP B 77 11.29 -2.22 31.81
CA ASP B 77 12.14 -1.39 32.64
C ASP B 77 11.50 -0.97 33.94
N ASN B 78 10.18 -0.93 33.99
CA ASN B 78 9.51 -0.45 35.20
C ASN B 78 9.02 -1.56 36.10
N VAL B 79 9.52 -2.78 35.85
CA VAL B 79 9.23 -3.93 36.68
C VAL B 79 10.56 -4.52 37.16
N ASP B 80 10.64 -4.87 38.44
CA ASP B 80 11.80 -5.57 38.98
C ASP B 80 11.56 -7.06 38.88
N VAL B 81 11.99 -7.64 37.75
CA VAL B 81 11.68 -9.02 37.42
C VAL B 81 12.26 -10.00 38.44
N ASP B 82 13.50 -9.78 38.87
CA ASP B 82 14.11 -10.74 39.82
C ASP B 82 13.32 -10.81 41.12
N ALA B 83 12.91 -9.64 41.60
CA ALA B 83 12.12 -9.55 42.81
C ALA B 83 10.82 -10.33 42.68
N ALA B 84 10.20 -10.25 41.51
CA ALA B 84 8.92 -10.91 41.34
C ALA B 84 9.13 -12.41 41.34
N THR B 85 10.25 -12.82 40.74
CA THR B 85 10.62 -14.23 40.65
C THR B 85 10.90 -14.74 42.06
N ALA B 86 11.58 -13.91 42.84
CA ALA B 86 11.82 -14.20 44.25
C ALA B 86 10.54 -14.67 44.93
N ARG B 87 9.42 -14.00 44.66
CA ARG B 87 8.18 -14.35 45.34
C ARG B 87 7.28 -15.27 44.52
N GLY B 88 7.76 -15.71 43.36
CA GLY B 88 6.94 -16.61 42.54
C GLY B 88 5.78 -15.89 41.87
N VAL B 89 6.01 -14.62 41.54
CA VAL B 89 5.07 -13.86 40.74
C VAL B 89 5.54 -13.88 39.30
N LEU B 90 4.75 -14.50 38.45
CA LEU B 90 4.87 -14.37 36.99
C LEU B 90 4.96 -12.93 36.55
N VAL B 91 5.92 -12.65 35.65
CA VAL B 91 5.97 -11.39 34.95
C VAL B 91 5.75 -11.63 33.45
N VAL B 92 4.83 -10.88 32.87
CA VAL B 92 4.49 -11.03 31.47
C VAL B 92 4.58 -9.67 30.79
N ASN B 93 4.97 -9.66 29.52
CA ASN B 93 4.87 -8.46 28.70
C ASN B 93 3.89 -8.75 27.57
N ALA B 94 3.73 -7.82 26.62
CA ALA B 94 2.96 -8.08 25.42
C ALA B 94 3.94 -8.04 24.25
N PRO B 95 4.67 -9.16 24.04
CA PRO B 95 5.91 -9.18 23.22
C PRO B 95 5.74 -8.84 21.73
N THR B 96 4.59 -9.14 21.14
CA THR B 96 4.42 -8.85 19.71
C THR B 96 3.41 -7.74 19.41
N SER B 97 3.02 -6.97 20.42
CA SER B 97 1.94 -5.99 20.29
C SER B 97 2.43 -4.78 19.46
N ASN B 98 3.73 -4.61 19.53
CA ASN B 98 4.64 -3.69 18.85
C ASN B 98 4.69 -3.72 17.34
N ILE B 99 4.57 -4.91 16.77
CA ILE B 99 5.27 -5.20 15.52
C ILE B 99 4.96 -4.25 14.33
N HIS B 100 3.68 -4.07 14.03
CA HIS B 100 3.30 -3.26 12.91
C HIS B 100 3.62 -1.80 13.16
N SER B 101 3.25 -1.30 14.33
CA SER B 101 3.51 0.09 14.67
C SER B 101 5.01 0.44 14.62
N ALA B 102 5.85 -0.43 15.18
CA ALA B 102 7.30 -0.19 15.21
C ALA B 102 7.95 -0.26 13.82
N ALA B 103 7.52 -1.22 13.01
CA ALA B 103 7.98 -1.34 11.64
C ALA B 103 7.58 -0.11 10.82
N GLU B 104 6.32 0.28 10.94
CA GLU B 104 5.85 1.48 10.24
C GLU B 104 6.65 2.70 10.68
N HIS B 105 6.97 2.78 11.96
CA HIS B 105 7.71 3.94 12.48
C HIS B 105 9.12 3.95 11.96
N ALA B 106 9.72 2.78 11.82
CA ALA B 106 11.01 2.69 11.19
C ALA B 106 10.96 3.28 9.78
N LEU B 107 9.94 2.89 9.03
CA LEU B 107 9.75 3.39 7.65
C LEU B 107 9.45 4.88 7.62
N ALA B 108 8.58 5.32 8.53
CA ALA B 108 8.25 6.73 8.66
C ALA B 108 9.50 7.59 8.84
N LEU B 109 10.44 7.11 9.66
CA LEU B 109 11.62 7.89 10.00
C LEU B 109 12.59 7.90 8.85
N LEU B 110 12.66 6.78 8.17
CA LEU B 110 13.56 6.66 7.05
C LEU B 110 13.12 7.62 5.96
N LEU B 111 11.80 7.73 5.75
CA LEU B 111 11.29 8.61 4.73
C LEU B 111 11.40 10.07 5.16
N ALA B 112 11.13 10.34 6.44
CA ALA B 112 11.23 11.71 6.97
C ALA B 112 12.68 12.23 6.94
N ALA B 113 13.63 11.35 7.20
CA ALA B 113 15.05 11.70 7.10
C ALA B 113 15.49 11.85 5.64
N SER B 114 14.89 11.05 4.76
CA SER B 114 15.22 11.11 3.34
C SER B 114 14.71 12.38 2.66
N ARG B 115 13.54 12.84 3.09
CA ARG B 115 12.90 13.98 2.45
C ARG B 115 12.86 15.19 3.36
N GLN B 116 13.59 15.10 4.47
CA GLN B 116 13.80 16.24 5.36
C GLN B 116 12.48 16.84 5.76
N ILE B 117 11.50 15.96 5.95
CA ILE B 117 10.13 16.40 6.22
C ILE B 117 10.04 17.42 7.33
N PRO B 118 10.56 17.10 8.54
CA PRO B 118 10.44 18.02 9.70
C PRO B 118 10.97 19.44 9.43
N ALA B 119 12.16 19.53 8.84
CA ALA B 119 12.73 20.83 8.48
C ALA B 119 11.88 21.51 7.40
N ALA B 120 11.48 20.75 6.37
CA ALA B 120 10.62 21.28 5.31
C ALA B 120 9.31 21.83 5.86
N ASP B 121 8.68 21.08 6.76
CA ASP B 121 7.43 21.51 7.37
C ASP B 121 7.65 22.77 8.21
N ALA B 122 8.78 22.84 8.92
CA ALA B 122 9.04 23.99 9.81
C ALA B 122 9.17 25.29 9.02
N SER B 123 9.90 25.24 7.90
CA SER B 123 10.12 26.43 7.11
C SER B 123 8.80 27.03 6.65
N LEU B 124 7.83 26.18 6.31
CA LEU B 124 6.48 26.67 5.99
C LEU B 124 5.82 27.27 7.24
N ARG B 125 6.04 26.67 8.40
CA ARG B 125 5.42 27.17 9.62
C ARG B 125 5.92 28.56 10.01
N GLU B 126 7.14 28.88 9.60
CA GLU B 126 7.58 30.27 9.68
C GLU B 126 7.39 31.02 8.36
N HIS B 127 6.37 30.62 7.61
CA HIS B 127 5.90 31.39 6.47
C HIS B 127 7.05 31.79 5.54
N THR B 128 7.87 30.80 5.21
CA THR B 128 8.86 30.95 4.17
C THR B 128 8.67 29.86 3.10
N TRP B 129 9.01 30.20 1.87
CA TRP B 129 8.98 29.26 0.78
C TRP B 129 10.42 28.86 0.45
N LYS B 130 10.92 27.83 1.12
CA LYS B 130 12.34 27.46 1.03
C LYS B 130 12.56 26.26 0.11
N ARG B 131 11.66 26.10 -0.85
CA ARG B 131 11.68 24.96 -1.76
C ARG B 131 13.07 24.66 -2.29
N SER B 132 13.77 25.69 -2.73
CA SER B 132 15.09 25.52 -3.33
C SER B 132 16.16 25.13 -2.30
N SER B 133 15.79 25.02 -1.03
CA SER B 133 16.77 24.62 -0.03
C SER B 133 16.82 23.10 0.15
N PHE B 134 15.78 22.40 -0.31
CA PHE B 134 15.68 20.97 -0.07
C PHE B 134 16.06 20.09 -1.26
N SER B 135 16.64 18.94 -0.94
CA SER B 135 17.02 17.94 -1.93
C SER B 135 17.02 16.56 -1.28
N GLY B 136 16.10 15.71 -1.71
CA GLY B 136 15.87 14.46 -1.04
C GLY B 136 16.64 13.32 -1.65
N THR B 137 16.52 12.15 -1.02
CA THR B 137 17.11 10.94 -1.54
C THR B 137 16.01 9.96 -1.91
N GLU B 138 16.08 9.48 -3.14
CA GLU B 138 15.15 8.52 -3.64
C GLU B 138 15.58 7.15 -3.14
N ILE B 139 14.60 6.32 -2.85
CA ILE B 139 14.81 4.96 -2.36
C ILE B 139 14.85 3.95 -3.51
N PHE B 140 13.99 4.11 -4.52
CA PHE B 140 13.86 3.12 -5.59
C PHE B 140 15.25 2.73 -6.11
N GLY B 141 15.52 1.44 -6.20
CA GLY B 141 16.73 0.95 -6.83
C GLY B 141 17.93 0.95 -5.90
N LYS B 142 17.80 1.60 -4.74
CA LYS B 142 18.92 1.70 -3.79
C LYS B 142 19.04 0.37 -3.02
N THR B 143 20.16 0.20 -2.31
CA THR B 143 20.36 -1.01 -1.50
C THR B 143 20.13 -0.66 -0.05
N VAL B 144 19.24 -1.41 0.60
CA VAL B 144 18.91 -1.12 2.00
C VAL B 144 19.47 -2.20 2.93
N GLY B 145 20.26 -1.78 3.92
CA GLY B 145 20.80 -2.69 4.91
C GLY B 145 19.97 -2.78 6.18
N VAL B 146 19.52 -3.99 6.52
CA VAL B 146 18.82 -4.20 7.78
C VAL B 146 19.73 -4.89 8.79
N VAL B 147 20.00 -4.24 9.91
CA VAL B 147 20.90 -4.85 10.90
C VAL B 147 20.06 -5.45 12.01
N GLY B 148 20.03 -6.78 12.05
CA GLY B 148 19.17 -7.51 12.96
C GLY B 148 17.85 -7.89 12.36
N LEU B 149 17.51 -9.17 12.42
CA LEU B 149 16.27 -9.66 11.83
C LEU B 149 15.33 -10.34 12.82
N GLY B 150 15.09 -9.70 13.95
CA GLY B 150 13.95 -10.05 14.77
C GLY B 150 12.77 -9.71 13.90
N ARG B 151 11.54 -9.88 14.41
CA ARG B 151 10.34 -9.81 13.56
C ARG B 151 10.09 -8.45 12.96
N ILE B 152 10.33 -7.41 13.75
CA ILE B 152 10.14 -6.03 13.30
C ILE B 152 11.09 -5.74 12.13
N GLY B 153 12.38 -6.09 12.29
CA GLY B 153 13.35 -6.05 11.18
C GLY B 153 12.92 -6.76 9.90
N GLN B 154 12.40 -7.98 10.03
CA GLN B 154 11.81 -8.73 8.90
C GLN B 154 10.65 -8.00 8.23
N LEU B 155 9.81 -7.40 9.04
CA LEU B 155 8.67 -6.65 8.51
C LEU B 155 9.16 -5.38 7.76
N VAL B 156 10.17 -4.71 8.32
CA VAL B 156 10.78 -3.57 7.66
C VAL B 156 11.37 -3.96 6.31
N ALA B 157 12.17 -5.02 6.27
CA ALA B 157 12.71 -5.55 5.00
C ALA B 157 11.62 -5.71 3.94
N GLN B 158 10.50 -6.29 4.32
CA GLN B 158 9.41 -6.49 3.39
C GLN B 158 8.75 -5.21 2.90
N ARG B 159 8.59 -4.23 3.78
CA ARG B 159 7.95 -2.97 3.42
C ARG B 159 8.90 -2.20 2.54
N ILE B 160 10.20 -2.24 2.89
CA ILE B 160 11.24 -1.61 2.10
C ILE B 160 11.33 -2.19 0.68
N ALA B 161 11.30 -3.51 0.55
CA ALA B 161 11.43 -4.09 -0.78
C ALA B 161 10.34 -3.58 -1.71
N ALA B 162 9.18 -3.19 -1.17
CA ALA B 162 8.07 -2.80 -2.04
C ALA B 162 8.33 -1.44 -2.65
N PHE B 163 9.27 -0.71 -2.07
CA PHE B 163 9.74 0.54 -2.65
C PHE B 163 10.76 0.30 -3.79
N GLY B 164 10.99 -0.96 -4.17
CA GLY B 164 11.90 -1.31 -5.28
C GLY B 164 13.37 -1.28 -4.89
N ALA B 165 13.63 -1.29 -3.59
CA ALA B 165 14.98 -1.35 -3.07
C ALA B 165 15.44 -2.79 -2.92
N TYR B 166 16.74 -3.04 -3.06
CA TYR B 166 17.29 -4.35 -2.77
C TYR B 166 17.59 -4.39 -1.30
N VAL B 167 17.29 -5.52 -0.66
CA VAL B 167 17.54 -5.61 0.78
C VAL B 167 18.64 -6.62 1.10
N VAL B 168 19.62 -6.16 1.86
CA VAL B 168 20.62 -7.04 2.42
C VAL B 168 20.48 -6.92 3.96
N ALA B 169 20.90 -7.93 4.70
CA ALA B 169 20.78 -7.85 6.15
C ALA B 169 21.90 -8.59 6.83
N TYR B 170 22.17 -8.19 8.07
CA TYR B 170 23.11 -8.92 8.91
C TYR B 170 22.35 -9.51 10.08
N ASP B 171 22.35 -10.83 10.12
CA ASP B 171 21.85 -11.54 11.27
C ASP B 171 22.22 -12.99 11.13
N PRO B 172 23.22 -13.40 11.89
CA PRO B 172 23.82 -14.71 11.75
C PRO B 172 23.02 -15.78 12.49
N TYR B 173 21.88 -15.44 13.11
CA TYR B 173 21.03 -16.49 13.73
C TYR B 173 19.68 -16.69 13.07
N VAL B 174 19.39 -15.89 12.04
CA VAL B 174 18.12 -16.03 11.36
C VAL B 174 18.23 -17.19 10.39
N SER B 175 17.08 -17.83 10.18
CA SER B 175 16.93 -18.88 9.20
C SER B 175 17.25 -18.34 7.81
N PRO B 176 18.28 -18.90 7.14
CA PRO B 176 18.56 -18.49 5.75
C PRO B 176 17.39 -18.63 4.83
N ALA B 177 16.59 -19.69 5.02
CA ALA B 177 15.40 -19.88 4.18
C ALA B 177 14.35 -18.80 4.46
N ARG B 178 14.18 -18.40 5.71
CA ARG B 178 13.26 -17.30 6.04
C ARG B 178 13.76 -16.04 5.37
N ALA B 179 15.06 -15.78 5.48
CA ALA B 179 15.66 -14.61 4.83
C ALA B 179 15.37 -14.54 3.33
N ALA B 180 15.67 -15.61 2.60
CA ALA B 180 15.37 -15.66 1.19
C ALA B 180 13.87 -15.44 0.91
N GLN B 181 12.98 -16.01 1.73
CA GLN B 181 11.53 -15.79 1.55
C GLN B 181 11.17 -14.32 1.73
N LEU B 182 12.00 -13.58 2.46
CA LEU B 182 11.72 -12.18 2.73
C LEU B 182 12.33 -11.29 1.65
N GLY B 183 13.06 -11.90 0.71
CA GLY B 183 13.70 -11.17 -0.37
C GLY B 183 15.04 -10.59 0.07
N ILE B 184 15.60 -11.18 1.13
CA ILE B 184 16.78 -10.65 1.78
C ILE B 184 18.06 -11.38 1.39
N GLU B 185 19.08 -10.60 1.09
CA GLU B 185 20.38 -11.20 0.82
C GLU B 185 21.18 -11.08 2.11
N LEU B 186 21.54 -12.22 2.69
CA LEU B 186 22.32 -12.24 3.94
C LEU B 186 23.80 -11.96 3.71
N LEU B 187 24.37 -11.12 4.57
CA LEU B 187 25.73 -10.68 4.43
C LEU B 187 26.42 -10.61 5.80
N SER B 188 27.74 -10.61 5.80
CA SER B 188 28.49 -10.16 6.95
C SER B 188 28.22 -8.67 7.16
N LEU B 189 28.45 -8.22 8.38
CA LEU B 189 28.22 -6.83 8.69
C LEU B 189 29.16 -5.96 7.87
N ASP B 190 30.39 -6.42 7.65
CA ASP B 190 31.33 -5.65 6.84
C ASP B 190 30.74 -5.39 5.47
N ASP B 191 30.38 -6.45 4.78
CA ASP B 191 29.76 -6.33 3.47
C ASP B 191 28.48 -5.48 3.49
N LEU B 192 27.72 -5.55 4.58
CA LEU B 192 26.52 -4.71 4.64
C LEU B 192 26.88 -3.23 4.66
N LEU B 193 27.81 -2.85 5.53
CA LEU B 193 28.20 -1.45 5.63
C LEU B 193 28.74 -0.93 4.30
N ALA B 194 29.52 -1.76 3.61
CA ALA B 194 30.12 -1.39 2.33
C ALA B 194 29.03 -1.10 1.31
N ARG B 195 27.99 -1.92 1.26
CA ARG B 195 27.01 -1.86 0.15
C ARG B 195 25.77 -1.01 0.36
N ALA B 196 25.57 -0.50 1.58
CA ALA B 196 24.25 0.04 1.96
C ALA B 196 24.09 1.53 1.71
N ASP B 197 23.04 1.90 1.00
CA ASP B 197 22.67 3.30 0.83
C ASP B 197 21.81 3.79 2.01
N PHE B 198 20.96 2.90 2.54
CA PHE B 198 20.19 3.14 3.77
C PHE B 198 20.45 2.02 4.77
N ILE B 199 20.53 2.36 6.06
CA ILE B 199 20.64 1.37 7.11
C ILE B 199 19.56 1.56 8.15
N SER B 200 18.88 0.47 8.49
CA SER B 200 17.92 0.44 9.59
C SER B 200 18.39 -0.59 10.60
N VAL B 201 18.57 -0.19 11.85
CA VAL B 201 19.05 -1.12 12.87
C VAL B 201 17.89 -1.61 13.74
N HIS B 202 17.94 -2.90 14.04
CA HIS B 202 16.83 -3.58 14.65
C HIS B 202 17.26 -4.60 15.67
N LEU B 203 16.33 -4.96 16.55
CA LEU B 203 16.58 -6.05 17.48
C LEU B 203 16.85 -7.27 16.62
N PRO B 204 17.93 -7.97 16.94
CA PRO B 204 18.30 -9.14 16.15
C PRO B 204 17.48 -10.33 16.58
N LYS B 205 17.67 -11.42 15.86
CA LYS B 205 16.97 -12.66 16.13
C LYS B 205 17.48 -13.24 17.44
N THR B 206 18.75 -13.03 17.71
CA THR B 206 19.30 -13.48 18.97
C THR B 206 19.68 -12.31 19.86
N PRO B 207 18.71 -11.91 20.68
CA PRO B 207 18.88 -10.95 21.72
C PRO B 207 19.74 -11.59 22.80
N GLU B 208 20.63 -10.80 23.38
CA GLU B 208 20.81 -9.44 22.91
C GLU B 208 22.25 -9.18 22.57
N THR B 209 22.99 -10.25 22.35
CA THR B 209 24.43 -10.13 22.08
C THR B 209 24.70 -9.33 20.81
N ALA B 210 23.66 -8.64 20.34
CA ALA B 210 23.84 -7.56 19.38
C ALA B 210 24.99 -6.65 19.85
N GLY B 211 25.81 -6.22 18.90
CA GLY B 211 26.89 -5.29 19.21
C GLY B 211 26.46 -3.84 19.06
N LEU B 212 27.41 -2.99 18.68
CA LEU B 212 27.15 -1.57 18.60
C LEU B 212 27.62 -1.09 17.23
N ILE B 213 26.84 -0.23 16.60
CA ILE B 213 27.35 0.52 15.46
C ILE B 213 28.11 1.72 16.02
N ASP B 214 29.44 1.60 16.03
CA ASP B 214 30.33 2.63 16.60
C ASP B 214 31.07 3.39 15.50
N LYS B 215 31.99 4.27 15.88
CA LYS B 215 32.68 5.09 14.89
C LYS B 215 33.38 4.26 13.83
N GLU B 216 33.90 3.10 14.21
CA GLU B 216 34.66 2.27 13.28
C GLU B 216 33.73 1.62 12.25
N ALA B 217 32.56 1.19 12.71
CA ALA B 217 31.54 0.66 11.80
C ALA B 217 30.96 1.78 10.91
N LEU B 218 30.62 2.92 11.51
CA LEU B 218 30.21 4.09 10.76
C LEU B 218 31.23 4.42 9.67
N ALA B 219 32.52 4.42 10.01
CA ALA B 219 33.56 4.81 9.06
C ALA B 219 33.53 3.88 7.86
N LYS B 220 33.01 2.68 8.06
CA LYS B 220 32.93 1.71 6.99
C LYS B 220 31.77 1.98 6.01
N THR B 221 30.80 2.81 6.41
CA THR B 221 29.59 3.02 5.59
C THR B 221 29.89 3.84 4.33
N LYS B 222 29.05 3.64 3.30
CA LYS B 222 29.03 4.51 2.13
C LYS B 222 28.86 5.98 2.51
N PRO B 223 29.66 6.86 1.90
CA PRO B 223 29.39 8.28 2.10
C PRO B 223 28.03 8.63 1.44
N GLY B 224 27.17 9.31 2.20
CA GLY B 224 25.81 9.59 1.75
C GLY B 224 24.76 8.65 2.35
N VAL B 225 25.21 7.64 3.09
CA VAL B 225 24.29 6.72 3.75
C VAL B 225 23.26 7.44 4.64
N ILE B 226 22.05 6.86 4.73
CA ILE B 226 21.06 7.32 5.67
C ILE B 226 20.78 6.23 6.70
N ILE B 227 20.75 6.61 7.98
CA ILE B 227 20.72 5.66 9.08
C ILE B 227 19.55 5.89 10.02
N VAL B 228 18.81 4.82 10.28
CA VAL B 228 17.66 4.89 11.15
C VAL B 228 17.80 3.92 12.32
N ASN B 229 17.53 4.41 13.52
CA ASN B 229 17.34 3.55 14.66
C ASN B 229 16.03 3.86 15.38
N ALA B 230 15.04 3.00 15.17
CA ALA B 230 13.84 3.02 15.99
C ALA B 230 13.72 1.68 16.76
N ALA B 231 14.84 1.01 16.98
CA ALA B 231 14.85 -0.30 17.64
C ALA B 231 15.26 -0.20 19.12
N ARG B 232 16.48 0.27 19.42
CA ARG B 232 16.84 0.46 20.83
C ARG B 232 17.92 1.49 21.09
N GLY B 233 17.71 2.28 22.13
CA GLY B 233 18.66 3.33 22.51
C GLY B 233 20.09 2.86 22.44
N GLY B 234 20.94 3.57 21.71
CA GLY B 234 22.36 3.28 21.70
C GLY B 234 22.82 2.21 20.70
N LEU B 235 21.91 1.56 20.01
CA LEU B 235 22.35 0.61 19.02
C LEU B 235 23.35 1.24 18.03
N VAL B 236 23.21 2.55 17.80
CA VAL B 236 24.21 3.34 17.11
C VAL B 236 24.76 4.34 18.13
N ASP B 237 26.08 4.46 18.22
CA ASP B 237 26.70 5.38 19.18
C ASP B 237 26.33 6.82 18.87
N GLU B 238 25.50 7.40 19.72
CA GLU B 238 25.01 8.76 19.45
C GLU B 238 26.13 9.72 19.09
N ALA B 239 27.15 9.81 19.93
CA ALA B 239 28.24 10.74 19.70
C ALA B 239 28.94 10.51 18.34
N ALA B 240 29.23 9.24 18.01
CA ALA B 240 29.88 8.93 16.74
C ALA B 240 28.97 9.27 15.55
N LEU B 241 27.68 9.00 15.69
CA LEU B 241 26.72 9.39 14.66
C LEU B 241 26.83 10.88 14.40
N ALA B 242 26.73 11.68 15.46
CA ALA B 242 26.86 13.16 15.36
C ALA B 242 28.12 13.64 14.61
N ASP B 243 29.24 12.95 14.79
CA ASP B 243 30.48 13.31 14.12
C ASP B 243 30.49 12.86 12.66
N ALA B 244 29.76 11.80 12.37
CA ALA B 244 29.68 11.36 10.99
C ALA B 244 28.75 12.28 10.18
N ILE B 245 27.79 12.88 10.87
CA ILE B 245 26.85 13.82 10.26
C ILE B 245 27.60 15.11 9.99
N THR B 246 28.00 15.72 11.10
CA THR B 246 28.86 16.90 11.15
C THR B 246 30.07 16.77 10.23
N GLY B 247 30.75 15.65 10.28
CA GLY B 247 31.89 15.39 9.41
C GLY B 247 31.53 15.17 7.95
N GLY B 248 30.25 14.94 7.67
CA GLY B 248 29.78 14.79 6.29
C GLY B 248 29.87 13.38 5.69
N HIS B 249 29.96 12.36 6.53
CA HIS B 249 29.93 10.99 6.02
C HIS B 249 28.50 10.46 5.92
N VAL B 250 27.70 10.82 6.92
CA VAL B 250 26.35 10.35 7.00
C VAL B 250 25.42 11.48 6.59
N ARG B 251 24.74 11.30 5.45
CA ARG B 251 23.82 12.29 4.92
C ARG B 251 22.72 12.67 5.92
N ALA B 252 22.01 11.68 6.44
CA ALA B 252 20.88 11.95 7.34
C ALA B 252 20.66 10.78 8.27
N ALA B 253 19.79 10.98 9.25
CA ALA B 253 19.53 9.94 10.21
C ALA B 253 18.20 10.18 10.88
N GLY B 254 17.55 9.10 11.33
CA GLY B 254 16.30 9.22 12.11
C GLY B 254 16.33 8.32 13.34
N LEU B 255 15.91 8.85 14.48
CA LEU B 255 16.01 8.13 15.76
C LEU B 255 14.75 8.30 16.57
N ASP B 256 14.22 7.18 17.08
CA ASP B 256 13.07 7.19 17.96
C ASP B 256 13.48 6.84 19.40
N VAL B 257 14.74 6.44 19.57
CA VAL B 257 15.21 5.90 20.84
C VAL B 257 16.59 6.42 21.21
N PHE B 258 16.81 6.60 22.51
CA PHE B 258 18.03 7.22 22.98
C PHE B 258 18.69 6.43 24.11
N ALA B 259 20.02 6.40 24.09
CA ALA B 259 20.83 5.60 25.02
C ALA B 259 20.35 5.80 26.45
N THR B 260 19.86 7.00 26.75
CA THR B 260 19.25 7.30 28.04
C THR B 260 17.95 8.07 27.87
N GLU B 261 16.86 7.54 28.42
CA GLU B 261 15.57 8.22 28.30
C GLU B 261 14.98 8.53 29.67
N PRO B 262 14.28 9.68 29.81
CA PRO B 262 14.10 10.82 28.91
C PRO B 262 15.39 11.48 28.45
N CYS B 263 15.36 11.94 27.19
CA CYS B 263 16.51 12.58 26.60
C CYS B 263 16.10 13.91 25.99
N THR B 264 16.62 15.01 26.52
CA THR B 264 16.21 16.34 26.06
C THR B 264 17.41 17.16 25.65
N ASP B 265 18.60 16.60 25.80
CA ASP B 265 19.79 17.41 25.58
C ASP B 265 20.87 16.76 24.70
N SER B 266 20.46 15.91 23.76
CA SER B 266 21.43 15.35 22.82
C SER B 266 22.02 16.37 21.83
N PRO B 267 23.34 16.32 21.62
CA PRO B 267 23.95 17.08 20.52
C PRO B 267 23.39 16.71 19.15
N LEU B 268 22.63 15.63 19.06
CA LEU B 268 21.86 15.31 17.86
C LEU B 268 20.78 16.35 17.60
N PHE B 269 20.15 16.83 18.67
CA PHE B 269 19.05 17.77 18.52
C PHE B 269 19.46 19.08 17.86
N GLU B 270 20.77 19.29 17.73
CA GLU B 270 21.27 20.48 17.06
C GLU B 270 21.68 20.14 15.62
N LEU B 271 21.30 18.96 15.15
CA LEU B 271 21.62 18.58 13.77
C LEU B 271 20.35 18.41 12.92
N ALA B 272 20.17 19.31 11.96
CA ALA B 272 18.96 19.29 11.13
C ALA B 272 18.83 18.06 10.23
N GLN B 273 19.95 17.47 9.83
CA GLN B 273 20.00 16.21 9.05
C GLN B 273 19.41 15.01 9.82
N VAL B 274 19.26 15.18 11.14
CA VAL B 274 18.72 14.14 12.02
C VAL B 274 17.26 14.39 12.38
N VAL B 275 16.39 13.44 12.06
CA VAL B 275 15.00 13.51 12.50
C VAL B 275 14.87 12.67 13.78
N VAL B 276 14.08 13.15 14.74
CA VAL B 276 14.00 12.53 16.06
C VAL B 276 12.60 12.54 16.62
N THR B 277 12.19 11.42 17.20
CA THR B 277 10.90 11.31 17.86
C THR B 277 11.13 10.73 19.23
N PRO B 278 10.31 11.13 20.22
CA PRO B 278 10.47 10.65 21.62
C PRO B 278 9.92 9.25 21.88
N HIS B 279 10.58 8.24 21.33
CA HIS B 279 10.16 6.85 21.52
C HIS B 279 8.69 6.66 21.25
N LEU B 280 8.23 7.11 20.07
CA LEU B 280 6.84 6.98 19.68
C LEU B 280 6.55 5.67 18.99
N GLY B 281 7.61 4.89 18.72
CA GLY B 281 7.51 3.66 17.94
C GLY B 281 6.28 2.80 18.16
N ALA B 282 5.75 2.81 19.39
CA ALA B 282 4.62 1.94 19.73
C ALA B 282 3.42 2.72 20.22
N SER B 283 3.48 4.04 20.07
CA SER B 283 2.44 4.91 20.58
C SER B 283 1.33 5.05 19.56
N THR B 284 0.38 4.12 19.63
CA THR B 284 -0.59 3.95 18.61
C THR B 284 -1.76 3.27 19.30
N ALA B 285 -2.98 3.70 19.03
CA ALA B 285 -4.14 3.09 19.64
C ALA B 285 -4.20 1.60 19.32
N GLU B 286 -3.72 1.22 18.15
CA GLU B 286 -3.83 -0.16 17.69
C GLU B 286 -2.83 -1.09 18.40
N ALA B 287 -1.61 -0.61 18.65
CA ALA B 287 -0.64 -1.38 19.40
C ALA B 287 -1.07 -1.53 20.86
N GLN B 288 -1.59 -0.44 21.42
CA GLN B 288 -2.08 -0.45 22.80
C GLN B 288 -3.30 -1.38 22.94
N ASP B 289 -4.17 -1.33 21.95
CA ASP B 289 -5.31 -2.22 21.91
C ASP B 289 -4.85 -3.67 21.94
N ARG B 290 -3.89 -3.99 21.08
CA ARG B 290 -3.34 -5.33 21.03
C ARG B 290 -2.59 -5.70 22.31
N ALA B 291 -1.80 -4.77 22.85
CA ALA B 291 -1.13 -4.97 24.14
C ALA B 291 -2.12 -5.27 25.25
N GLY B 292 -3.27 -4.60 25.20
CA GLY B 292 -4.33 -4.80 26.20
C GLY B 292 -4.94 -6.17 26.13
N THR B 293 -5.35 -6.61 24.94
CA THR B 293 -5.90 -7.94 24.81
C THR B 293 -4.85 -9.03 25.08
N ASP B 294 -3.57 -8.76 24.77
CA ASP B 294 -2.49 -9.70 25.10
C ASP B 294 -2.34 -9.94 26.61
N VAL B 295 -2.23 -8.88 27.41
CA VAL B 295 -2.04 -9.09 28.81
C VAL B 295 -3.30 -9.68 29.46
N ALA B 296 -4.48 -9.38 28.92
CA ALA B 296 -5.70 -9.98 29.45
C ALA B 296 -5.66 -11.49 29.24
N GLU B 297 -5.22 -11.94 28.07
CA GLU B 297 -5.11 -13.35 27.83
C GLU B 297 -4.09 -13.99 28.81
N SER B 298 -2.95 -13.34 29.02
CA SER B 298 -1.95 -13.84 29.98
C SER B 298 -2.46 -13.96 31.40
N VAL B 299 -3.21 -12.96 31.84
CA VAL B 299 -3.84 -12.99 33.17
C VAL B 299 -4.86 -14.12 33.29
N ARG B 300 -5.69 -14.28 32.26
CA ARG B 300 -6.68 -15.35 32.25
C ARG B 300 -6.00 -16.70 32.48
N LEU B 301 -4.96 -16.97 31.69
CA LEU B 301 -4.20 -18.21 31.79
C LEU B 301 -3.54 -18.36 33.14
N ALA B 302 -2.96 -17.28 33.66
CA ALA B 302 -2.29 -17.36 34.96
C ALA B 302 -3.29 -17.63 36.07
N LEU B 303 -4.50 -17.12 35.91
CA LEU B 303 -5.52 -17.29 36.95
C LEU B 303 -6.18 -18.66 36.83
N ALA B 304 -6.21 -19.19 35.61
CA ALA B 304 -6.65 -20.56 35.39
C ALA B 304 -5.58 -21.59 35.83
N GLY B 305 -4.45 -21.11 36.34
CA GLY B 305 -3.30 -22.01 36.56
C GLY B 305 -2.73 -22.73 35.32
N GLU B 306 -2.96 -22.17 34.13
CA GLU B 306 -2.42 -22.73 32.88
C GLU B 306 -1.04 -22.17 32.51
N PHE B 307 -0.42 -22.80 31.52
CA PHE B 307 0.85 -22.32 31.02
C PHE B 307 0.68 -20.89 30.50
N VAL B 308 1.66 -20.04 30.78
CA VAL B 308 1.62 -18.67 30.29
C VAL B 308 2.78 -18.41 29.32
N PRO B 309 2.54 -18.57 28.03
CA PRO B 309 3.66 -18.47 27.08
C PRO B 309 4.42 -17.14 27.09
N ASP B 310 3.77 -16.03 27.45
CA ASP B 310 4.41 -14.72 27.40
C ASP B 310 5.14 -14.44 28.71
N ALA B 311 5.05 -15.35 29.67
CA ALA B 311 5.81 -15.12 30.92
C ALA B 311 7.33 -15.09 30.66
N VAL B 312 8.02 -14.31 31.44
CA VAL B 312 9.37 -13.91 31.14
C VAL B 312 10.37 -14.47 32.15
N ASN B 313 9.82 -15.04 33.23
CA ASN B 313 10.60 -15.45 34.39
C ASN B 313 10.13 -16.81 34.90
N VAL B 314 9.54 -17.62 34.04
CA VAL B 314 9.28 -19.00 34.41
C VAL B 314 10.37 -19.95 33.85
N GLY B 315 10.27 -21.24 34.22
CA GLY B 315 11.33 -22.25 34.07
C GLY B 315 12.46 -22.11 33.06
N GLY B 316 12.34 -22.83 31.94
CA GLY B 316 13.31 -22.76 30.85
C GLY B 316 13.45 -21.34 30.35
N GLY B 317 12.35 -20.59 30.43
CA GLY B 317 12.38 -19.16 30.17
C GLY B 317 11.31 -18.73 29.20
N VAL B 318 11.65 -17.69 28.45
CA VAL B 318 10.79 -17.03 27.50
C VAL B 318 10.56 -17.95 26.27
N VAL B 319 9.30 -18.26 25.94
CA VAL B 319 8.94 -18.93 24.69
C VAL B 319 8.99 -17.86 23.61
N ASN B 320 9.76 -18.11 22.56
CA ASN B 320 9.92 -17.15 21.49
C ASN B 320 8.59 -16.84 20.80
N GLU B 321 8.41 -15.60 20.40
CA GLU B 321 7.24 -15.18 19.62
C GLU B 321 6.97 -16.02 18.36
N GLU B 322 8.02 -16.59 17.75
CA GLU B 322 7.82 -17.45 16.60
C GLU B 322 7.28 -18.81 17.03
N VAL B 323 7.64 -19.24 18.23
CA VAL B 323 7.26 -20.55 18.71
C VAL B 323 5.87 -20.54 19.35
N ALA B 324 5.56 -19.47 20.10
CA ALA B 324 4.30 -19.43 20.86
C ALA B 324 3.04 -19.92 20.12
N PRO B 325 2.79 -19.45 18.88
CA PRO B 325 1.60 -19.86 18.13
C PRO B 325 1.48 -21.36 17.81
N TRP B 326 2.60 -22.08 17.85
CA TRP B 326 2.63 -23.52 17.54
C TRP B 326 2.26 -24.38 18.75
N LEU B 327 2.31 -23.82 19.95
CA LEU B 327 2.05 -24.61 21.15
C LEU B 327 0.74 -25.34 21.04
N ASP B 328 -0.30 -24.59 20.69
CA ASP B 328 -1.66 -25.08 20.64
C ASP B 328 -1.87 -26.10 19.49
N LEU B 329 -1.36 -25.77 18.32
CA LEU B 329 -1.30 -26.68 17.19
C LEU B 329 -0.67 -28.00 17.60
N VAL B 330 0.51 -27.94 18.18
CA VAL B 330 1.25 -29.18 18.41
C VAL B 330 0.55 -30.04 19.48
N ARG B 331 -0.18 -29.36 20.37
CA ARG B 331 -1.04 -30.04 21.33
C ARG B 331 -2.11 -30.83 20.57
N LYS B 332 -2.78 -30.18 19.63
CA LYS B 332 -3.78 -30.84 18.83
C LYS B 332 -3.22 -31.99 18.02
N LEU B 333 -1.98 -31.86 17.53
CA LEU B 333 -1.36 -33.01 16.85
C LEU B 333 -1.19 -34.21 17.77
N GLY B 334 -0.85 -33.95 19.04
CA GLY B 334 -0.70 -35.02 20.02
C GLY B 334 -2.07 -35.64 20.31
N VAL B 335 -3.09 -34.81 20.40
CA VAL B 335 -4.44 -35.29 20.62
C VAL B 335 -4.80 -36.24 19.48
N LEU B 336 -4.64 -35.75 18.26
CA LEU B 336 -4.88 -36.54 17.08
C LEU B 336 -4.10 -37.83 17.06
N ALA B 337 -2.79 -37.76 17.31
CA ALA B 337 -1.95 -38.96 17.22
C ALA B 337 -2.40 -40.01 18.25
N GLY B 338 -2.89 -39.54 19.39
CA GLY B 338 -3.35 -40.44 20.43
C GLY B 338 -4.66 -41.12 20.08
N VAL B 339 -5.64 -40.33 19.66
CA VAL B 339 -6.95 -40.87 19.34
C VAL B 339 -6.85 -41.82 18.15
N LEU B 340 -5.95 -41.49 17.24
CA LEU B 340 -5.78 -42.28 16.04
C LEU B 340 -4.97 -43.52 16.32
N SER B 341 -4.34 -43.56 17.48
CA SER B 341 -3.59 -44.77 17.86
C SER B 341 -4.57 -45.79 18.44
N ASP B 342 -4.49 -47.03 17.96
CA ASP B 342 -5.33 -48.08 18.55
C ASP B 342 -4.89 -48.33 19.99
N GLU B 343 -3.65 -48.77 20.16
CA GLU B 343 -3.10 -49.00 21.49
C GLU B 343 -2.47 -47.73 22.03
N LEU B 344 -2.24 -47.65 23.34
CA LEU B 344 -1.45 -46.53 23.85
C LEU B 344 -0.04 -46.62 23.27
N PRO B 345 0.48 -45.50 22.77
CA PRO B 345 1.80 -45.56 22.15
C PRO B 345 2.88 -45.78 23.20
N VAL B 346 3.94 -46.46 22.80
CA VAL B 346 5.09 -46.61 23.69
C VAL B 346 6.11 -45.46 23.46
N SER B 347 5.95 -44.76 22.35
CA SER B 347 6.84 -43.64 22.04
C SER B 347 6.16 -42.54 21.26
N LEU B 348 6.65 -41.33 21.50
CA LEU B 348 6.16 -40.17 20.81
C LEU B 348 7.36 -39.41 20.30
N SER B 349 7.30 -39.03 19.03
CA SER B 349 8.40 -38.32 18.41
C SER B 349 7.86 -37.06 17.76
N VAL B 350 8.48 -35.93 18.10
CA VAL B 350 8.06 -34.64 17.55
C VAL B 350 9.17 -34.18 16.63
N GLN B 351 8.84 -34.04 15.36
CA GLN B 351 9.79 -33.64 14.35
C GLN B 351 9.43 -32.24 13.83
N VAL B 352 10.33 -31.29 14.09
CA VAL B 352 10.20 -29.93 13.62
C VAL B 352 11.07 -29.73 12.39
N ARG B 353 10.45 -29.28 11.29
CA ARG B 353 11.16 -29.08 10.01
C ARG B 353 10.94 -27.71 9.39
N GLY B 354 11.97 -27.23 8.70
CA GLY B 354 11.87 -25.96 8.00
C GLY B 354 12.35 -24.81 8.86
N GLU B 355 11.76 -23.66 8.62
CA GLU B 355 12.15 -22.40 9.25
C GLU B 355 12.06 -22.42 10.78
N LEU B 356 11.02 -23.06 11.30
CA LEU B 356 10.81 -23.24 12.75
C LEU B 356 11.99 -23.96 13.39
N ALA B 357 12.61 -24.87 12.65
CA ALA B 357 13.76 -25.59 13.19
C ALA B 357 14.94 -24.69 13.59
N ALA B 358 14.92 -23.40 13.25
CA ALA B 358 15.96 -22.46 13.74
C ALA B 358 15.63 -21.90 15.12
N GLU B 359 14.47 -22.27 15.66
CA GLU B 359 14.00 -21.70 16.92
C GLU B 359 14.25 -22.65 18.09
N GLU B 360 13.98 -22.20 19.31
CA GLU B 360 14.01 -23.09 20.45
C GLU B 360 12.62 -23.69 20.66
N VAL B 361 12.53 -24.99 20.46
CA VAL B 361 11.24 -25.66 20.35
C VAL B 361 11.10 -26.81 21.34
N GLU B 362 11.99 -26.91 22.33
CA GLU B 362 11.77 -27.94 23.35
C GLU B 362 10.31 -27.96 23.77
N VAL B 363 9.76 -26.78 24.02
CA VAL B 363 8.45 -26.69 24.63
C VAL B 363 7.38 -27.39 23.78
N LEU B 364 7.64 -27.56 22.48
CA LEU B 364 6.74 -28.29 21.58
C LEU B 364 6.63 -29.79 21.90
N ARG B 365 7.67 -30.36 22.49
CA ARG B 365 7.62 -31.75 22.95
C ARG B 365 6.67 -31.87 24.16
N LEU B 366 6.76 -30.94 25.08
CA LEU B 366 5.83 -30.87 26.18
C LEU B 366 4.39 -30.71 25.65
N SER B 367 4.16 -29.79 24.70
CA SER B 367 2.79 -29.65 24.13
C SER B 367 2.23 -30.92 23.51
N ALA B 368 3.02 -31.59 22.67
CA ALA B 368 2.60 -32.88 22.10
C ALA B 368 2.20 -33.91 23.13
N LEU B 369 2.98 -34.01 24.20
CA LEU B 369 2.85 -35.06 25.17
C LEU B 369 1.57 -34.80 25.92
N ARG B 370 1.40 -33.53 26.23
CA ARG B 370 0.23 -33.06 26.90
C ARG B 370 -1.05 -33.26 26.07
N GLY B 371 -0.96 -33.11 24.76
CA GLY B 371 -2.05 -33.48 23.86
C GLY B 371 -2.28 -34.99 23.86
N LEU B 372 -1.19 -35.75 23.86
CA LEU B 372 -1.26 -37.20 23.85
C LEU B 372 -2.05 -37.71 25.04
N PHE B 373 -1.74 -37.17 26.21
CA PHE B 373 -2.24 -37.72 27.45
C PHE B 373 -3.60 -37.21 27.84
N SER B 374 -4.01 -36.10 27.27
CA SER B 374 -5.31 -35.57 27.57
C SER B 374 -6.30 -36.45 26.83
N ALA B 375 -5.91 -36.90 25.64
CA ALA B 375 -6.73 -37.80 24.83
C ALA B 375 -6.83 -39.23 25.40
N VAL B 376 -6.46 -39.40 26.68
CA VAL B 376 -6.37 -40.73 27.28
C VAL B 376 -6.66 -40.74 28.78
N ILE B 377 -6.31 -39.65 29.45
CA ILE B 377 -6.37 -39.61 30.90
C ILE B 377 -7.32 -38.54 31.44
N GLU B 378 -8.06 -38.91 32.49
CA GLU B 378 -8.97 -38.04 33.21
C GLU B 378 -8.27 -36.79 33.75
N VAL B 381 -3.79 -32.50 33.12
CA VAL B 381 -2.44 -32.72 32.57
C VAL B 381 -1.76 -31.39 32.29
N THR B 382 -0.69 -31.09 33.04
CA THR B 382 0.04 -29.82 32.88
C THR B 382 1.42 -30.02 32.25
N PHE B 383 2.25 -28.99 32.35
CA PHE B 383 3.52 -28.91 31.62
C PHE B 383 4.74 -29.56 32.30
N VAL B 384 4.81 -29.53 33.63
CA VAL B 384 5.85 -30.28 34.35
C VAL B 384 5.24 -31.55 34.94
N ASN B 385 3.93 -31.65 34.80
CA ASN B 385 3.19 -32.88 35.07
C ASN B 385 3.52 -33.97 34.05
N ALA B 386 3.40 -33.63 32.78
CA ALA B 386 3.41 -34.61 31.69
C ALA B 386 4.66 -35.49 31.54
N PRO B 387 5.85 -34.93 31.73
CA PRO B 387 7.04 -35.80 31.65
C PRO B 387 7.11 -36.92 32.70
N ALA B 388 6.55 -36.69 33.89
CA ALA B 388 6.52 -37.73 34.92
C ALA B 388 5.35 -38.70 34.69
N LEU B 389 4.26 -38.16 34.16
CA LEU B 389 3.13 -38.97 33.73
C LEU B 389 3.53 -39.89 32.58
N ALA B 390 4.32 -39.36 31.66
CA ALA B 390 4.76 -40.13 30.50
C ALA B 390 5.64 -41.25 30.96
N ALA B 391 6.57 -40.92 31.85
CA ALA B 391 7.49 -41.90 32.37
C ALA B 391 6.72 -43.06 33.02
N GLU B 392 5.76 -42.74 33.88
CA GLU B 392 5.05 -43.78 34.61
C GLU B 392 3.97 -44.49 33.79
N ARG B 393 3.80 -44.06 32.54
CA ARG B 393 2.96 -44.78 31.59
C ARG B 393 3.82 -45.46 30.55
N GLY B 394 5.13 -45.41 30.76
CA GLY B 394 6.10 -45.99 29.83
C GLY B 394 6.02 -45.43 28.40
N VAL B 395 5.87 -44.12 28.27
CA VAL B 395 5.95 -43.49 26.95
C VAL B 395 7.22 -42.65 26.92
N THR B 396 8.15 -43.01 26.04
CA THR B 396 9.34 -42.19 25.84
C THR B 396 9.04 -41.15 24.76
N ALA B 397 9.55 -39.92 24.95
CA ALA B 397 9.42 -38.86 23.96
C ALA B 397 10.73 -38.55 23.30
N GLU B 398 10.65 -37.85 22.18
CA GLU B 398 11.81 -37.49 21.41
C GLU B 398 11.52 -36.26 20.57
N ILE B 399 12.47 -35.34 20.50
CA ILE B 399 12.29 -34.21 19.62
C ILE B 399 13.45 -34.04 18.64
N CYS B 400 13.10 -33.88 17.35
CA CYS B 400 14.07 -33.66 16.29
C CYS B 400 13.82 -32.32 15.64
N LYS B 401 14.90 -31.73 15.12
CA LYS B 401 14.90 -30.47 14.41
C LYS B 401 15.73 -30.56 13.13
N ALA B 402 15.13 -30.20 12.00
CA ALA B 402 15.85 -30.24 10.71
C ALA B 402 15.43 -29.04 9.86
N SER B 403 16.40 -28.32 9.32
CA SER B 403 16.15 -27.17 8.46
C SER B 403 15.37 -27.60 7.22
N GLU B 404 15.61 -28.83 6.80
CA GLU B 404 15.02 -29.36 5.60
C GLU B 404 13.56 -29.76 5.77
N SER B 405 12.70 -29.11 5.01
CA SER B 405 11.29 -29.44 4.84
C SER B 405 10.99 -29.54 3.35
N PRO B 406 10.42 -30.66 2.91
CA PRO B 406 10.26 -30.82 1.46
C PRO B 406 9.12 -29.99 0.83
N ASN B 407 8.17 -29.51 1.59
CA ASN B 407 7.02 -28.86 0.97
C ASN B 407 6.71 -27.58 1.69
N HIS B 408 6.27 -27.69 2.94
CA HIS B 408 5.91 -26.52 3.72
C HIS B 408 7.16 -25.80 4.18
N ARG B 409 7.06 -24.49 4.30
CA ARG B 409 8.15 -23.72 4.90
C ARG B 409 8.52 -24.21 6.31
N SER B 410 7.50 -24.54 7.10
CA SER B 410 7.69 -25.09 8.43
C SER B 410 6.58 -26.11 8.61
N VAL B 411 6.92 -27.23 9.24
CA VAL B 411 5.92 -28.23 9.53
C VAL B 411 6.32 -29.01 10.78
N VAL B 412 5.33 -29.37 11.61
CA VAL B 412 5.60 -30.26 12.72
C VAL B 412 4.85 -31.56 12.53
N ASP B 413 5.61 -32.65 12.66
CA ASP B 413 5.14 -34.02 12.59
C ASP B 413 5.14 -34.57 13.98
N VAL B 414 4.02 -35.19 14.37
CA VAL B 414 3.95 -35.91 15.62
C VAL B 414 3.75 -37.38 15.33
N ARG B 415 4.72 -38.17 15.74
CA ARG B 415 4.72 -39.60 15.46
C ARG B 415 4.53 -40.45 16.72
N ALA B 416 3.47 -41.27 16.71
CA ALA B 416 3.16 -42.19 17.81
C ALA B 416 3.36 -43.62 17.36
N VAL B 417 4.20 -44.37 18.08
CA VAL B 417 4.46 -45.77 17.77
C VAL B 417 3.94 -46.64 18.90
N GLY B 418 3.14 -47.64 18.56
CA GLY B 418 2.55 -48.54 19.54
C GLY B 418 3.45 -49.70 19.89
N ALA B 419 3.11 -50.42 20.95
CA ALA B 419 3.95 -51.54 21.42
C ALA B 419 4.19 -52.54 20.28
N ASP B 420 3.17 -52.76 19.44
CA ASP B 420 3.26 -53.73 18.36
C ASP B 420 4.03 -53.26 17.13
N GLY B 421 4.59 -52.05 17.20
CA GLY B 421 5.35 -51.52 16.07
C GLY B 421 4.50 -50.72 15.10
N SER B 422 3.24 -50.45 15.46
CA SER B 422 2.35 -49.69 14.62
C SER B 422 2.61 -48.18 14.75
N VAL B 423 2.41 -47.45 13.65
CA VAL B 423 2.78 -46.04 13.54
C VAL B 423 1.63 -45.13 13.10
N VAL B 424 1.46 -44.02 13.80
CA VAL B 424 0.58 -42.94 13.36
C VAL B 424 1.38 -41.67 13.28
N THR B 425 1.22 -40.95 12.18
CA THR B 425 1.89 -39.66 12.07
C THR B 425 0.90 -38.61 11.67
N VAL B 426 0.93 -37.50 12.40
CA VAL B 426 0.05 -36.39 12.15
C VAL B 426 0.91 -35.13 12.00
N SER B 427 0.61 -34.27 11.02
CA SER B 427 1.43 -33.07 10.77
C SER B 427 0.59 -31.81 10.71
N GLY B 428 1.17 -30.70 11.16
CA GLY B 428 0.48 -29.44 11.15
C GLY B 428 1.40 -28.33 10.73
N THR B 429 0.81 -27.25 10.22
CA THR B 429 1.54 -26.05 9.90
C THR B 429 0.70 -24.81 10.24
N LEU B 430 1.32 -23.62 10.25
CA LEU B 430 0.60 -22.37 10.49
C LEU B 430 0.99 -21.45 9.37
N TYR B 431 0.04 -20.70 8.80
CA TYR B 431 0.42 -19.72 7.76
C TYR B 431 -0.64 -18.69 7.55
N GLY B 432 -0.29 -17.63 6.80
CA GLY B 432 -1.24 -16.57 6.48
C GLY B 432 -1.23 -15.51 7.58
N PRO B 433 -1.95 -14.39 7.38
CA PRO B 433 -1.97 -13.24 8.32
C PRO B 433 -2.51 -13.59 9.71
N GLN B 434 -3.51 -14.48 9.78
CA GLN B 434 -4.02 -14.94 11.07
C GLN B 434 -3.14 -16.02 11.72
N LEU B 435 -2.21 -16.60 10.96
CA LEU B 435 -1.48 -17.78 11.43
C LEU B 435 -2.45 -18.93 11.75
N SER B 436 -3.37 -19.22 10.84
CA SER B 436 -4.37 -20.27 11.05
C SER B 436 -3.71 -21.62 11.12
N GLN B 437 -4.10 -22.40 12.10
CA GLN B 437 -3.52 -23.71 12.36
C GLN B 437 -4.15 -24.70 11.37
N LYS B 438 -3.32 -25.45 10.67
CA LYS B 438 -3.81 -26.39 9.67
C LYS B 438 -3.31 -27.81 9.94
N ILE B 439 -4.21 -28.78 9.85
CA ILE B 439 -3.78 -30.20 9.79
C ILE B 439 -3.41 -30.48 8.37
N VAL B 440 -2.16 -30.86 8.11
CA VAL B 440 -1.73 -30.99 6.73
C VAL B 440 -1.32 -32.40 6.37
N GLN B 441 -1.30 -33.30 7.34
CA GLN B 441 -0.95 -34.67 6.97
C GLN B 441 -1.32 -35.70 8.02
N ILE B 442 -1.84 -36.84 7.56
CA ILE B 442 -2.07 -38.02 8.37
C ILE B 442 -1.49 -39.25 7.64
N ASN B 443 -0.45 -39.86 8.18
CA ASN B 443 0.07 -41.09 7.62
C ASN B 443 0.38 -41.02 6.14
N GLY B 444 1.05 -39.96 5.71
CA GLY B 444 1.45 -39.86 4.31
C GLY B 444 0.42 -39.31 3.32
N ARG B 445 -0.78 -39.03 3.81
CA ARG B 445 -1.82 -38.43 2.99
C ARG B 445 -1.84 -36.94 3.33
N HIS B 446 -2.05 -36.10 2.31
CA HIS B 446 -2.00 -34.65 2.45
C HIS B 446 -3.36 -33.99 2.44
N PHE B 447 -3.47 -32.90 3.21
CA PHE B 447 -4.72 -32.20 3.48
C PHE B 447 -4.34 -30.78 3.79
N ASP B 448 -5.35 -29.92 3.87
CA ASP B 448 -5.16 -28.60 4.40
C ASP B 448 -6.46 -28.21 5.06
N LEU B 449 -6.59 -28.60 6.33
CA LEU B 449 -7.82 -28.39 7.05
C LEU B 449 -7.56 -27.75 8.38
N ARG B 450 -8.41 -26.79 8.73
CA ARG B 450 -8.31 -26.07 9.97
C ARG B 450 -8.29 -27.02 11.14
N ALA B 451 -7.34 -26.79 12.04
CA ALA B 451 -7.24 -27.56 13.27
C ALA B 451 -8.23 -26.97 14.28
N GLN B 452 -9.53 -27.21 14.03
CA GLN B 452 -10.58 -26.77 14.92
C GLN B 452 -11.86 -27.60 14.75
N GLY B 453 -12.78 -27.44 15.71
CA GLY B 453 -14.08 -28.10 15.64
C GLY B 453 -14.00 -29.62 15.73
N ILE B 454 -15.13 -30.26 15.45
CA ILE B 454 -15.29 -31.70 15.53
C ILE B 454 -14.91 -32.29 14.17
N ASN B 455 -14.01 -33.25 14.19
CA ASN B 455 -13.51 -33.78 12.97
C ASN B 455 -13.65 -35.26 12.99
N LEU B 456 -14.20 -35.80 11.90
CA LEU B 456 -14.41 -37.22 11.78
C LEU B 456 -13.32 -37.68 10.83
N ILE B 457 -12.57 -38.70 11.25
CA ILE B 457 -11.52 -39.23 10.38
C ILE B 457 -11.88 -40.66 10.03
N ILE B 458 -11.80 -40.99 8.74
CA ILE B 458 -12.10 -42.35 8.31
C ILE B 458 -11.08 -42.87 7.31
N HIS B 459 -10.64 -44.10 7.56
CA HIS B 459 -9.78 -44.78 6.61
C HIS B 459 -10.52 -46.03 6.25
N TYR B 460 -10.80 -46.17 4.96
CA TYR B 460 -11.72 -47.20 4.50
C TYR B 460 -11.34 -47.76 3.13
N VAL B 461 -12.13 -48.73 2.68
CA VAL B 461 -11.95 -49.42 1.40
C VAL B 461 -12.72 -48.71 0.27
N ASP B 462 -12.00 -48.13 -0.69
CA ASP B 462 -12.69 -47.44 -1.78
C ASP B 462 -13.49 -48.41 -2.65
N ARG B 463 -14.80 -48.27 -2.63
CA ARG B 463 -15.69 -49.02 -3.51
C ARG B 463 -16.55 -47.99 -4.21
N PRO B 464 -17.11 -48.31 -5.37
CA PRO B 464 -18.11 -47.33 -5.79
C PRO B 464 -19.16 -47.22 -4.68
N GLY B 465 -19.71 -46.03 -4.50
CA GLY B 465 -20.76 -45.81 -3.52
C GLY B 465 -20.28 -45.40 -2.14
N ALA B 466 -19.01 -45.65 -1.86
CA ALA B 466 -18.47 -45.44 -0.52
C ALA B 466 -18.63 -44.00 0.03
N LEU B 467 -18.12 -42.99 -0.68
CA LEU B 467 -18.28 -41.62 -0.20
C LEU B 467 -19.77 -41.25 -0.10
N GLY B 468 -20.56 -41.77 -1.02
CA GLY B 468 -22.00 -41.56 -0.96
C GLY B 468 -22.61 -42.04 0.34
N LYS B 469 -22.19 -43.20 0.80
CA LYS B 469 -22.81 -43.78 2.00
C LYS B 469 -22.46 -42.96 3.23
N ILE B 470 -21.18 -42.57 3.35
CA ILE B 470 -20.69 -41.69 4.41
C ILE B 470 -21.52 -40.39 4.46
N GLY B 471 -21.55 -39.65 3.34
CA GLY B 471 -22.41 -38.49 3.22
C GLY B 471 -23.87 -38.76 3.55
N THR B 472 -24.42 -39.87 3.05
CA THR B 472 -25.86 -40.08 3.24
C THR B 472 -26.21 -40.25 4.71
N LEU B 473 -25.36 -40.99 5.43
CA LEU B 473 -25.61 -41.32 6.82
C LEU B 473 -25.47 -40.10 7.70
N LEU B 474 -24.44 -39.31 7.45
CA LEU B 474 -24.22 -38.07 8.14
C LEU B 474 -25.41 -37.13 7.94
N GLY B 475 -25.82 -36.96 6.68
CA GLY B 475 -26.95 -36.09 6.35
C GLY B 475 -28.23 -36.59 7.01
N THR B 476 -28.49 -37.88 6.83
CA THR B 476 -29.68 -38.51 7.41
C THR B 476 -29.76 -38.22 8.90
N ALA B 477 -28.59 -38.16 9.56
CA ALA B 477 -28.49 -37.90 11.01
C ALA B 477 -28.55 -36.41 11.40
N GLY B 478 -28.67 -35.53 10.40
CA GLY B 478 -28.71 -34.09 10.63
C GLY B 478 -27.36 -33.46 10.95
N VAL B 479 -26.28 -34.19 10.66
CA VAL B 479 -24.91 -33.71 10.91
C VAL B 479 -24.39 -32.96 9.67
N ASN B 480 -24.15 -31.66 9.80
CA ASN B 480 -23.72 -30.87 8.63
C ASN B 480 -22.19 -30.89 8.47
N ILE B 481 -21.74 -31.05 7.25
CA ILE B 481 -20.33 -31.08 6.93
C ILE B 481 -19.86 -29.68 6.58
N GLN B 482 -18.85 -29.17 7.29
CA GLN B 482 -18.38 -27.80 7.06
C GLN B 482 -17.33 -27.76 5.97
N ALA B 483 -16.44 -28.75 6.00
CA ALA B 483 -15.40 -28.93 5.03
C ALA B 483 -15.04 -30.40 5.09
N ALA B 484 -14.55 -30.92 3.98
CA ALA B 484 -14.08 -32.30 3.94
C ALA B 484 -13.03 -32.46 2.84
N GLN B 485 -12.10 -33.37 3.07
CA GLN B 485 -11.09 -33.65 2.08
C GLN B 485 -10.78 -35.12 2.16
N LEU B 486 -10.80 -35.75 0.99
CA LEU B 486 -10.54 -37.15 0.85
C LEU B 486 -9.33 -37.31 -0.05
N SER B 487 -8.42 -38.21 0.32
CA SER B 487 -7.37 -38.61 -0.62
C SER B 487 -7.23 -40.11 -0.74
N GLU B 488 -6.85 -40.54 -1.94
CA GLU B 488 -6.62 -41.95 -2.19
C GLU B 488 -5.24 -42.39 -1.71
N ASP B 489 -5.19 -43.59 -1.13
CA ASP B 489 -3.92 -44.14 -0.68
C ASP B 489 -2.96 -44.21 -1.86
N ALA B 490 -1.66 -44.11 -1.55
CA ALA B 490 -0.62 -44.21 -2.58
C ALA B 490 -0.67 -45.56 -3.28
N GLU B 491 -0.64 -46.63 -2.47
CA GLU B 491 -0.71 -47.98 -2.97
C GLU B 491 -1.64 -48.78 -2.07
N GLY B 492 -2.82 -49.11 -2.57
CA GLY B 492 -3.74 -49.95 -1.80
C GLY B 492 -5.19 -49.76 -2.19
N PRO B 493 -6.07 -50.56 -1.58
CA PRO B 493 -7.51 -50.45 -1.82
C PRO B 493 -8.14 -49.23 -1.10
N GLY B 494 -7.38 -48.62 -0.20
CA GLY B 494 -7.94 -47.70 0.78
C GLY B 494 -8.02 -46.23 0.42
N ALA B 495 -8.72 -45.48 1.28
CA ALA B 495 -8.86 -44.04 1.10
C ALA B 495 -9.01 -43.43 2.47
N THR B 496 -8.72 -42.16 2.60
CA THR B 496 -8.77 -41.57 3.92
C THR B 496 -9.39 -40.19 3.84
N ILE B 497 -10.38 -39.97 4.69
CA ILE B 497 -11.13 -38.73 4.65
C ILE B 497 -11.19 -38.07 6.02
N LEU B 498 -11.16 -36.76 6.00
CA LEU B 498 -11.36 -35.93 7.16
C LEU B 498 -12.54 -35.01 6.93
N LEU B 499 -13.53 -35.09 7.82
CA LEU B 499 -14.68 -34.22 7.71
C LEU B 499 -14.78 -33.37 8.97
N ARG B 500 -14.98 -32.07 8.80
CA ARG B 500 -15.25 -31.22 9.92
C ARG B 500 -16.76 -31.01 9.94
N LEU B 501 -17.32 -31.23 11.11
CA LEU B 501 -18.76 -31.44 11.29
C LEU B 501 -19.27 -30.35 12.22
N ASP B 502 -20.55 -30.07 12.16
CA ASP B 502 -21.10 -29.03 13.04
C ASP B 502 -21.52 -29.58 14.41
N GLN B 503 -21.39 -30.89 14.60
CA GLN B 503 -21.77 -31.52 15.84
C GLN B 503 -21.20 -32.93 15.91
N ASP B 504 -21.34 -33.56 17.07
CA ASP B 504 -20.83 -34.92 17.25
C ASP B 504 -21.67 -35.95 16.47
N VAL B 505 -21.11 -37.13 16.27
CA VAL B 505 -21.79 -38.22 15.60
C VAL B 505 -22.08 -39.29 16.64
N PRO B 506 -23.37 -39.57 16.90
CA PRO B 506 -23.79 -40.61 17.83
C PRO B 506 -23.10 -41.92 17.54
N ASP B 507 -22.81 -42.69 18.59
CA ASP B 507 -22.18 -44.02 18.46
C ASP B 507 -22.78 -44.92 17.37
N ASP B 508 -24.09 -45.13 17.44
CA ASP B 508 -24.78 -46.01 16.47
C ASP B 508 -24.57 -45.55 15.04
N VAL B 509 -24.49 -44.24 14.86
CA VAL B 509 -24.26 -43.70 13.54
C VAL B 509 -22.82 -43.95 13.13
N ARG B 510 -21.89 -43.92 14.09
CA ARG B 510 -20.47 -44.17 13.75
C ARG B 510 -20.31 -45.60 13.35
N THR B 511 -20.97 -46.48 14.09
CA THR B 511 -20.99 -47.91 13.78
C THR B 511 -21.51 -48.20 12.37
N ALA B 512 -22.73 -47.75 12.09
CA ALA B 512 -23.32 -47.82 10.74
C ALA B 512 -22.36 -47.29 9.67
N ILE B 513 -21.75 -46.14 9.91
CA ILE B 513 -20.80 -45.60 8.94
C ILE B 513 -19.66 -46.57 8.71
N ALA B 514 -19.08 -47.02 9.81
CA ALA B 514 -17.97 -47.98 9.80
C ALA B 514 -18.33 -49.23 9.01
N ALA B 515 -19.49 -49.82 9.33
CA ALA B 515 -19.95 -50.98 8.59
C ALA B 515 -20.18 -50.62 7.12
N ALA B 516 -20.80 -49.48 6.86
CA ALA B 516 -21.19 -49.22 5.51
C ALA B 516 -19.97 -49.21 4.60
N VAL B 517 -18.80 -48.84 5.14
CA VAL B 517 -17.61 -48.74 4.27
C VAL B 517 -16.40 -49.60 4.63
N ASP B 518 -16.56 -50.64 5.44
CA ASP B 518 -15.41 -51.46 5.89
C ASP B 518 -14.22 -50.63 6.36
N ALA B 519 -14.48 -49.66 7.24
CA ALA B 519 -13.45 -48.77 7.73
C ALA B 519 -12.37 -49.55 8.51
N TYR B 520 -11.10 -49.23 8.26
CA TYR B 520 -10.00 -49.76 9.07
C TYR B 520 -9.99 -48.96 10.36
N LYS B 521 -10.30 -47.67 10.24
CA LYS B 521 -10.29 -46.77 11.38
C LYS B 521 -11.41 -45.75 11.21
N LEU B 522 -12.08 -45.44 12.32
CA LEU B 522 -13.05 -44.36 12.36
C LEU B 522 -12.92 -43.69 13.71
N GLU B 523 -12.74 -42.37 13.70
CA GLU B 523 -12.60 -41.67 14.96
C GLU B 523 -13.16 -40.27 14.84
N VAL B 524 -13.60 -39.71 15.96
CA VAL B 524 -14.07 -38.33 16.02
C VAL B 524 -13.30 -37.60 17.13
N VAL B 525 -12.85 -36.38 16.84
CA VAL B 525 -11.99 -35.65 17.73
C VAL B 525 -12.44 -34.21 17.76
N ASP B 526 -12.50 -33.63 18.95
CA ASP B 526 -12.72 -32.19 19.10
C ASP B 526 -11.38 -31.46 19.08
N LEU B 527 -11.24 -30.47 18.21
CA LEU B 527 -9.95 -29.81 18.02
C LEU B 527 -9.97 -28.38 18.49
N SER B 528 -10.99 -28.01 19.24
CA SER B 528 -11.04 -26.66 19.74
C SER B 528 -9.89 -26.38 20.71
O1 TLA C . -29.60 9.43 -39.85
O11 TLA C . -29.29 8.45 -41.80
C1 TLA C . -30.08 8.98 -40.86
C2 TLA C . -31.56 9.06 -41.02
O2 TLA C . -31.98 8.37 -42.19
C3 TLA C . -31.94 10.54 -41.07
O3 TLA C . -31.27 11.21 -42.13
C4 TLA C . -33.45 10.72 -41.07
O4 TLA C . -34.13 10.20 -40.20
O41 TLA C . -34.06 11.44 -41.99
O1 TLA D . -2.43 -37.19 -0.08
O11 TLA D . -0.83 -36.88 -1.52
C1 TLA D . -2.06 -37.23 -1.24
C2 TLA D . -3.01 -37.65 -2.32
O2 TLA D . -2.37 -37.95 -3.56
C3 TLA D . -4.00 -36.52 -2.54
O3 TLA D . -3.32 -35.30 -2.79
C4 TLA D . -4.86 -36.90 -3.70
O4 TLA D . -5.08 -36.09 -4.58
O41 TLA D . -5.35 -38.14 -3.73
O1 TLA E . 15.17 -26.66 20.46
O11 TLA E . 14.53 -25.97 22.47
C1 TLA E . 15.40 -26.57 21.66
C2 TLA E . 16.65 -27.14 22.24
O2 TLA E . 16.59 -27.10 23.66
C3 TLA E . 17.82 -26.27 21.81
O3 TLA E . 17.53 -24.91 22.07
C4 TLA E . 19.01 -26.75 22.60
O4 TLA E . 19.13 -27.95 22.79
O41 TLA E . 19.90 -25.87 23.09
C2 HPV F . 6.67 -0.68 24.86
O4P HPV F . 4.36 3.47 24.50
P HPV F . 4.23 2.32 25.53
O2P HPV F . 4.27 2.80 26.99
O3P HPV F . 3.13 1.31 25.20
O1P HPV F . 5.56 1.44 25.37
C3 HPV F . 5.42 0.03 25.32
O3 HPV F . 7.51 -1.05 25.66
C1 HPV F . 6.83 -0.95 23.44
O1 HPV F . 5.87 -1.57 22.93
O2 HPV F . 7.86 -0.58 22.80
#